data_7E9A
#
_entry.id   7E9A
#
_cell.length_a   165.421
_cell.length_b   165.421
_cell.length_c   94.860
_cell.angle_alpha   90.000
_cell.angle_beta   90.000
_cell.angle_gamma   120.000
#
_symmetry.space_group_name_H-M   'P 3 2 1'
#
loop_
_entity.id
_entity.type
_entity.pdbx_description
1 polymer Beta-lactamase
2 non-polymer '2-[(3S)-1-oxidanyl-3H-2,1-benzoxaborol-3-yl]prop-2-enoic acid'
3 non-polymer 'ACETIC ACID'
4 non-polymer DI(HYDROXYETHYL)ETHER
5 non-polymer GLYCEROL
6 water water
#
_entity_poly.entity_id   1
_entity_poly.type   'polypeptide(L)'
_entity_poly.pdbx_seq_one_letter_code
;STNLVAEPFAKLEQDFGGSIGVYAMDTGSGATVSYRAEERFPLCSSFKGFLAAAVLARSQQQAGLLDTPIRYGKNALVPW
SPISEKYLTTGMTVAELSAAAVQYSDNAAANLLLKELGGPAGLTAFMRSIGDTTFRLDRWELELNSAIPGDARDTSSPRA
VTESLQKLTLGSALAAPQRQQFVDWLKGNTTGNHRIRAAVPADWAVGDKTGTCGVYGTANDYAVVWPTGRAPIVLAVYTR
APNKDDKHSEAVIAAAARLALEGLG
;
_entity_poly.pdbx_strand_id   A,B,C,D
#
# COMPACT_ATOMS: atom_id res chain seq x y z
N SER A 1 4.09 8.21 -4.48
CA SER A 1 3.66 7.74 -3.17
C SER A 1 2.13 7.82 -3.06
N THR A 2 1.46 6.66 -2.93
CA THR A 2 0.01 6.65 -2.72
C THR A 2 -0.34 5.70 -1.58
N ASN A 3 -1.64 5.64 -1.27
CA ASN A 3 -2.11 4.93 -0.10
C ASN A 3 -3.59 4.70 -0.24
N LEU A 4 -3.98 3.45 -0.52
CA LEU A 4 -5.36 3.02 -0.67
C LEU A 4 -6.04 2.63 0.64
N VAL A 5 -5.41 2.78 1.79
CA VAL A 5 -6.17 2.73 3.04
C VAL A 5 -5.66 3.88 3.91
N ALA A 6 -5.99 5.11 3.50
CA ALA A 6 -5.58 6.33 4.17
C ALA A 6 -6.63 6.86 5.11
N GLU A 7 -7.83 6.28 5.14
CA GLU A 7 -8.88 6.85 5.98
C GLU A 7 -8.45 7.00 7.44
N PRO A 8 -7.70 6.09 8.03
CA PRO A 8 -7.28 6.30 9.43
C PRO A 8 -6.45 7.56 9.65
N PHE A 9 -5.49 7.82 8.76
CA PHE A 9 -4.71 9.05 8.82
C PHE A 9 -5.60 10.27 8.59
N ALA A 10 -6.53 10.18 7.65
CA ALA A 10 -7.42 11.29 7.37
C ALA A 10 -8.28 11.62 8.59
N LYS A 11 -8.70 10.60 9.33
CA LYS A 11 -9.51 10.87 10.53
C LYS A 11 -8.68 11.49 11.62
N LEU A 12 -7.49 10.95 11.86
CA LEU A 12 -6.58 11.57 12.82
C LEU A 12 -6.28 13.01 12.46
N GLU A 13 -6.06 13.28 11.19
CA GLU A 13 -5.76 14.65 10.75
C GLU A 13 -6.95 15.56 11.00
N GLN A 14 -8.17 15.10 10.72
CA GLN A 14 -9.33 15.91 11.02
C GLN A 14 -9.45 16.17 12.51
N ASP A 15 -9.24 15.15 13.35
CA ASP A 15 -9.27 15.34 14.79
C ASP A 15 -8.20 16.33 15.23
N PHE A 16 -6.98 16.23 14.68
CA PHE A 16 -5.90 17.18 14.97
C PHE A 16 -6.28 18.61 14.61
N GLY A 17 -6.77 18.83 13.42
CA GLY A 17 -7.17 20.15 12.99
C GLY A 17 -6.23 20.75 12.00
N GLY A 18 -5.09 20.11 11.74
CA GLY A 18 -4.06 20.63 10.88
C GLY A 18 -3.71 19.65 9.79
N SER A 19 -2.46 19.59 9.38
CA SER A 19 -2.05 18.67 8.35
C SER A 19 -0.98 17.76 8.91
N ILE A 20 -1.03 16.51 8.49
CA ILE A 20 -0.08 15.50 8.93
C ILE A 20 0.61 14.91 7.72
N GLY A 21 1.90 14.66 7.85
CA GLY A 21 2.71 14.08 6.79
C GLY A 21 3.49 12.90 7.36
N VAL A 22 3.42 11.76 6.67
CA VAL A 22 4.01 10.52 7.13
C VAL A 22 4.67 9.83 5.95
N TYR A 23 5.87 9.29 6.15
CA TYR A 23 6.41 8.34 5.21
C TYR A 23 7.16 7.29 6.00
N ALA A 24 6.91 6.04 5.72
CA ALA A 24 7.65 4.98 6.41
C ALA A 24 8.05 3.93 5.39
N MET A 25 9.24 3.38 5.56
CA MET A 25 9.74 2.31 4.71
C MET A 25 10.31 1.19 5.57
N ASP A 26 9.96 -0.04 5.26
CA ASP A 26 10.59 -1.23 5.82
C ASP A 26 11.76 -1.53 4.89
N THR A 27 12.98 -1.27 5.32
CA THR A 27 14.12 -1.51 4.43
C THR A 27 14.34 -2.98 4.17
N GLY A 28 13.61 -3.88 4.82
CA GLY A 28 13.75 -5.30 4.61
C GLY A 28 12.87 -5.80 3.49
N SER A 29 11.63 -5.33 3.44
CA SER A 29 10.68 -5.74 2.41
C SER A 29 10.48 -4.71 1.31
N GLY A 30 10.82 -3.46 1.54
CA GLY A 30 10.47 -2.43 0.60
C GLY A 30 9.09 -1.84 0.77
N ALA A 31 8.29 -2.34 1.70
CA ALA A 31 6.95 -1.78 1.90
C ALA A 31 7.05 -0.38 2.50
N THR A 32 6.08 0.46 2.16
CA THR A 32 6.03 1.82 2.63
C THR A 32 4.61 2.24 2.98
N VAL A 33 4.54 3.27 3.83
CA VAL A 33 3.31 3.95 4.19
C VAL A 33 3.51 5.43 3.85
N SER A 34 2.55 6.04 3.15
CA SER A 34 2.66 7.46 2.83
C SER A 34 1.34 8.17 3.09
N TYR A 35 1.45 9.42 3.54
CA TYR A 35 0.29 10.30 3.68
C TYR A 35 0.82 11.71 3.66
N ARG A 36 0.54 12.45 2.57
CA ARG A 36 1.17 13.74 2.30
C ARG A 36 2.69 13.65 2.33
N ALA A 37 3.22 12.50 1.89
CA ALA A 37 4.65 12.24 1.92
C ALA A 37 5.42 13.15 0.98
N GLU A 38 4.78 13.71 -0.04
CA GLU A 38 5.43 14.58 -1.02
C GLU A 38 5.27 16.05 -0.68
N GLU A 39 4.51 16.38 0.32
CA GLU A 39 4.20 17.75 0.66
C GLU A 39 5.29 18.35 1.54
N ARG A 40 5.39 19.68 1.50
CA ARG A 40 6.42 20.38 2.25
C ARG A 40 5.93 20.72 3.65
N PHE A 41 6.81 20.57 4.63
CA PHE A 41 6.59 20.87 6.03
C PHE A 41 7.83 21.57 6.59
N PRO A 42 7.65 22.48 7.55
CA PRO A 42 8.82 23.06 8.24
C PRO A 42 9.65 22.01 8.91
N LEU A 43 10.96 22.10 8.71
CA LEU A 43 11.90 21.22 9.38
C LEU A 43 11.97 21.51 10.87
N CYS A 44 11.97 22.77 11.27
CA CYS A 44 12.21 23.13 12.66
C CYS A 44 13.56 22.54 13.04
N SER A 45 13.73 22.04 14.25
CA SER A 45 15.02 21.52 14.67
C SER A 45 15.39 20.22 14.03
N SER A 46 14.49 19.57 13.30
CA SER A 46 14.86 18.29 12.73
C SER A 46 16.01 18.42 11.74
N PHE A 47 16.31 19.62 11.24
CA PHE A 47 17.49 19.74 10.37
C PHE A 47 18.78 19.42 11.11
N LYS A 48 18.77 19.55 12.45
CA LYS A 48 19.97 19.35 13.23
C LYS A 48 20.51 17.93 13.06
N GLY A 49 19.64 16.94 12.80
CA GLY A 49 20.14 15.60 12.54
C GLY A 49 20.99 15.56 11.29
N PHE A 50 20.47 16.13 10.21
CA PHE A 50 21.22 16.17 8.96
C PHE A 50 22.46 17.05 9.09
N LEU A 51 22.41 18.11 9.89
CA LEU A 51 23.60 18.92 10.12
C LEU A 51 24.72 18.06 10.70
N ALA A 52 24.41 17.26 11.71
CA ALA A 52 25.46 16.41 12.28
C ALA A 52 25.98 15.40 11.27
N ALA A 53 25.10 14.86 10.41
CA ALA A 53 25.59 13.98 9.37
C ALA A 53 26.53 14.72 8.44
N ALA A 54 26.21 15.95 8.11
CA ALA A 54 27.07 16.71 7.21
C ALA A 54 28.42 16.97 7.84
N VAL A 55 28.45 17.16 9.17
CA VAL A 55 29.72 17.35 9.86
C VAL A 55 30.55 16.07 9.80
N LEU A 56 29.93 14.93 10.12
CA LEU A 56 30.60 13.64 10.00
C LEU A 56 31.17 13.41 8.59
N ALA A 57 30.40 13.77 7.56
CA ALA A 57 30.87 13.60 6.19
C ALA A 57 32.06 14.50 5.90
N ARG A 58 32.06 15.73 6.43
CA ARG A 58 33.25 16.57 6.29
C ARG A 58 34.43 16.03 7.05
N SER A 59 34.21 15.39 8.21
CA SER A 59 35.32 14.81 8.95
C SER A 59 36.01 13.72 8.16
N GLN A 60 35.32 13.13 7.19
CA GLN A 60 35.94 12.13 6.33
C GLN A 60 36.95 12.75 5.38
N GLN A 61 36.98 14.07 5.22
CA GLN A 61 37.97 14.74 4.39
C GLN A 61 38.92 15.67 5.14
N GLN A 62 38.62 16.03 6.38
CA GLN A 62 39.45 16.91 7.21
C GLN A 62 39.75 16.13 8.47
N ALA A 63 40.99 15.68 8.63
CA ALA A 63 41.31 14.93 9.83
C ALA A 63 41.27 15.85 11.05
N GLY A 64 40.91 15.30 12.19
CA GLY A 64 40.82 16.07 13.40
C GLY A 64 39.66 17.03 13.50
N LEU A 65 38.78 17.10 12.51
CA LEU A 65 37.64 18.02 12.58
C LEU A 65 36.83 17.81 13.85
N LEU A 66 36.49 16.57 14.14
CA LEU A 66 35.56 16.27 15.21
C LEU A 66 36.13 16.63 16.57
N ASP A 67 37.44 16.55 16.75
CA ASP A 67 38.10 16.86 18.01
C ASP A 67 38.45 18.33 18.16
N THR A 68 38.12 19.16 17.18
CA THR A 68 38.51 20.56 17.22
C THR A 68 37.72 21.31 18.27
N PRO A 69 38.34 21.92 19.25
CA PRO A 69 37.59 22.72 20.22
C PRO A 69 37.15 24.05 19.62
N ILE A 70 35.99 24.51 20.10
CA ILE A 70 35.41 25.78 19.71
C ILE A 70 35.14 26.54 20.99
N ARG A 71 35.83 27.65 21.16
CA ARG A 71 35.66 28.49 22.33
C ARG A 71 34.73 29.64 21.91
N TYR A 72 33.44 29.42 22.08
CA TYR A 72 32.40 30.31 21.57
C TYR A 72 32.03 31.33 22.65
N GLY A 73 31.37 32.39 22.24
CA GLY A 73 31.05 33.44 23.17
C GLY A 73 29.66 33.30 23.74
N LYS A 74 29.45 34.03 24.83
CA LYS A 74 28.13 34.15 25.43
C LYS A 74 27.06 34.57 24.44
N ASN A 75 27.40 35.40 23.47
CA ASN A 75 26.38 35.80 22.53
C ASN A 75 26.23 34.81 21.39
N ALA A 76 26.78 33.61 21.53
CA ALA A 76 26.33 32.49 20.73
C ALA A 76 25.10 31.84 21.29
N LEU A 77 24.78 32.13 22.56
CA LEU A 77 23.78 31.36 23.32
C LEU A 77 22.36 31.87 23.06
N VAL A 78 21.79 31.38 21.97
CA VAL A 78 20.41 31.67 21.63
C VAL A 78 19.50 30.84 22.52
N PRO A 79 18.27 31.27 22.72
CA PRO A 79 17.34 30.52 23.57
C PRO A 79 17.36 29.03 23.26
N TRP A 80 17.14 28.24 24.32
CA TRP A 80 17.22 26.80 24.28
C TRP A 80 18.55 26.32 23.70
N SER A 81 19.55 26.49 24.53
CA SER A 81 20.91 26.03 24.25
C SER A 81 21.46 25.40 25.54
N PRO A 82 20.91 24.26 25.97
CA PRO A 82 21.22 23.80 27.32
C PRO A 82 22.63 23.24 27.48
N ILE A 83 23.20 22.63 26.47
CA ILE A 83 24.53 22.05 26.60
C ILE A 83 25.58 23.13 26.41
N SER A 84 25.43 23.89 25.34
CA SER A 84 26.23 25.08 25.08
C SER A 84 26.33 26.00 26.29
N GLU A 85 25.20 26.21 26.98
CA GLU A 85 25.20 27.06 28.17
C GLU A 85 26.04 26.45 29.28
N LYS A 86 25.79 25.19 29.58
CA LYS A 86 26.49 24.51 30.65
C LYS A 86 27.99 24.54 30.43
N TYR A 87 28.43 24.47 29.17
CA TYR A 87 29.85 24.34 28.84
C TYR A 87 30.46 25.62 28.30
N LEU A 88 29.76 26.75 28.44
CA LEU A 88 30.25 28.02 27.93
C LEU A 88 31.69 28.27 28.36
N THR A 89 32.00 28.07 29.63
CA THR A 89 33.33 28.41 30.13
C THR A 89 34.45 27.56 29.53
N THR A 90 34.19 26.31 29.19
CA THR A 90 35.19 25.44 28.62
C THR A 90 35.27 25.44 27.11
N GLY A 91 34.24 25.90 26.41
CA GLY A 91 34.14 25.57 24.99
C GLY A 91 33.66 24.14 24.81
N MET A 92 33.51 23.72 23.55
CA MET A 92 33.10 22.37 23.17
C MET A 92 33.77 22.00 21.86
N THR A 93 34.08 20.73 21.70
CA THR A 93 34.54 20.26 20.42
C THR A 93 33.40 20.19 19.41
N VAL A 94 33.79 20.06 18.15
CA VAL A 94 32.83 19.88 17.08
C VAL A 94 31.95 18.67 17.34
N ALA A 95 32.52 17.57 17.78
CA ALA A 95 31.72 16.37 18.05
C ALA A 95 30.74 16.61 19.18
N GLU A 96 31.17 17.30 20.23
CA GLU A 96 30.24 17.58 21.30
C GLU A 96 29.11 18.46 20.81
N LEU A 97 29.43 19.45 19.96
CA LEU A 97 28.39 20.33 19.45
C LEU A 97 27.41 19.57 18.57
N SER A 98 27.90 18.63 17.77
CA SER A 98 27.03 17.77 16.98
C SER A 98 26.13 16.93 17.87
N ALA A 99 26.73 16.26 18.86
CA ALA A 99 25.97 15.49 19.82
C ALA A 99 24.89 16.35 20.48
N ALA A 100 25.27 17.52 20.96
CA ALA A 100 24.32 18.40 21.63
C ALA A 100 23.18 18.81 20.70
N ALA A 101 23.50 19.17 19.45
CA ALA A 101 22.49 19.54 18.47
C ALA A 101 21.51 18.41 18.21
N VAL A 102 22.00 17.17 18.12
CA VAL A 102 21.14 16.01 17.86
C VAL A 102 20.32 15.66 19.08
N GLN A 103 20.96 15.55 20.25
CA GLN A 103 20.32 14.90 21.39
C GLN A 103 19.64 15.87 22.35
N TYR A 104 19.93 17.16 22.25
CA TYR A 104 19.24 18.15 23.04
C TYR A 104 18.66 19.23 22.17
N SER A 105 18.87 19.18 20.87
CA SER A 105 18.37 20.22 19.99
C SER A 105 19.00 21.57 20.31
N ASP A 106 20.20 21.56 20.87
CA ASP A 106 20.92 22.77 21.25
C ASP A 106 21.01 23.73 20.08
N ASN A 107 20.46 24.94 20.26
CA ASN A 107 20.41 25.88 19.15
C ASN A 107 21.74 26.56 18.89
N ALA A 108 22.47 26.95 19.93
CA ALA A 108 23.75 27.59 19.73
C ALA A 108 24.70 26.65 19.01
N ALA A 109 24.71 25.39 19.42
CA ALA A 109 25.48 24.37 18.74
C ALA A 109 25.10 24.34 17.27
N ALA A 110 23.80 24.36 16.99
CA ALA A 110 23.35 24.27 15.61
C ALA A 110 23.90 25.43 14.77
N ASN A 111 23.80 26.66 15.26
CA ASN A 111 24.33 27.79 14.46
C ASN A 111 25.84 27.73 14.35
N LEU A 112 26.53 27.33 15.41
CA LEU A 112 27.99 27.26 15.30
C LEU A 112 28.40 26.23 14.25
N LEU A 113 27.72 25.09 14.21
CA LEU A 113 28.06 24.06 13.23
C LEU A 113 27.68 24.49 11.82
N LEU A 114 26.51 25.10 11.65
CA LEU A 114 26.16 25.67 10.34
C LEU A 114 27.25 26.60 9.84
N LYS A 115 27.76 27.47 10.72
CA LYS A 115 28.79 28.41 10.29
C LYS A 115 30.01 27.71 9.73
N GLU A 116 30.43 26.62 10.37
CA GLU A 116 31.57 25.85 9.88
C GLU A 116 31.29 25.20 8.54
N LEU A 117 30.04 24.99 8.19
CA LEU A 117 29.67 24.34 6.93
C LEU A 117 29.33 25.33 5.83
N GLY A 118 29.34 26.61 6.11
CA GLY A 118 28.97 27.58 5.15
C GLY A 118 27.57 28.06 5.27
N GLY A 119 26.95 27.87 6.43
CA GLY A 119 25.62 28.34 6.65
C GLY A 119 24.57 27.40 6.08
N PRO A 120 23.30 27.85 6.14
CA PRO A 120 22.18 27.07 5.59
C PRO A 120 22.41 26.58 4.17
N ALA A 121 23.00 27.44 3.35
CA ALA A 121 23.32 27.07 1.98
C ALA A 121 24.30 25.92 1.89
N GLY A 122 25.20 25.80 2.85
CA GLY A 122 26.15 24.69 2.83
C GLY A 122 25.56 23.34 3.23
N LEU A 123 24.72 23.37 4.25
CA LEU A 123 23.94 22.18 4.58
C LEU A 123 23.08 21.76 3.40
N THR A 124 22.36 22.70 2.81
CA THR A 124 21.53 22.35 1.68
C THR A 124 22.34 21.72 0.56
N ALA A 125 23.51 22.27 0.26
CA ALA A 125 24.37 21.66 -0.76
C ALA A 125 24.84 20.27 -0.36
N PHE A 126 25.11 20.05 0.93
CA PHE A 126 25.40 18.68 1.35
C PHE A 126 24.26 17.76 0.97
N MET A 127 23.03 18.15 1.33
CA MET A 127 21.87 17.32 1.06
C MET A 127 21.70 17.08 -0.43
N ARG A 128 21.91 18.12 -1.26
CA ARG A 128 21.92 17.89 -2.70
C ARG A 128 22.98 16.86 -3.09
N SER A 129 24.14 16.90 -2.44
CA SER A 129 25.23 16.00 -2.79
C SER A 129 24.92 14.53 -2.53
N ILE A 130 23.95 14.23 -1.67
CA ILE A 130 23.53 12.85 -1.46
C ILE A 130 22.25 12.50 -2.20
N GLY A 131 21.69 13.41 -2.97
CA GLY A 131 20.57 13.06 -3.82
C GLY A 131 19.25 13.60 -3.36
N ASP A 132 19.23 14.41 -2.29
CA ASP A 132 18.01 15.04 -1.81
C ASP A 132 17.81 16.33 -2.58
N THR A 133 16.83 16.35 -3.47
CA THR A 133 16.48 17.52 -4.23
C THR A 133 15.33 18.28 -3.61
N THR A 134 14.88 17.87 -2.43
CA THR A 134 13.74 18.50 -1.78
C THR A 134 14.16 19.43 -0.66
N PHE A 135 15.06 18.97 0.22
CA PHE A 135 15.52 19.70 1.38
C PHE A 135 16.00 21.09 1.02
N ARG A 136 15.58 22.07 1.79
CA ARG A 136 16.21 23.38 1.75
C ARG A 136 16.23 23.98 3.14
N LEU A 137 17.41 24.41 3.55
CA LEU A 137 17.56 25.29 4.70
C LEU A 137 18.02 26.66 4.21
N ASP A 138 17.36 27.69 4.69
CA ASP A 138 17.56 29.04 4.23
C ASP A 138 18.02 29.99 5.32
N ARG A 139 17.67 29.73 6.58
CA ARG A 139 17.84 30.67 7.67
C ARG A 139 18.49 29.99 8.87
N TRP A 140 19.02 30.82 9.77
CA TRP A 140 19.64 30.38 11.00
C TRP A 140 18.62 30.25 12.13
N GLU A 141 19.06 29.71 13.26
CA GLU A 141 18.26 29.70 14.49
C GLU A 141 18.24 31.12 15.09
N LEU A 142 17.11 31.63 15.58
CA LEU A 142 15.80 30.98 15.64
C LEU A 142 14.83 31.34 14.49
N GLU A 143 15.29 32.12 13.51
CA GLU A 143 14.41 32.62 12.46
C GLU A 143 13.80 31.50 11.60
N LEU A 144 14.52 30.38 11.42
CA LEU A 144 14.01 29.31 10.58
C LEU A 144 12.75 28.65 11.12
N ASN A 145 12.32 29.01 12.34
CA ASN A 145 11.15 28.43 12.99
C ASN A 145 9.85 29.16 12.68
N SER A 146 9.86 30.16 11.80
CA SER A 146 8.67 30.95 11.56
C SER A 146 7.49 30.13 11.01
N ALA A 147 7.72 29.07 10.24
CA ALA A 147 6.68 28.09 9.89
C ALA A 147 5.43 28.72 9.26
N ILE A 148 5.63 29.77 8.47
CA ILE A 148 4.52 30.47 7.81
C ILE A 148 3.89 29.57 6.76
N PRO A 149 2.58 29.41 6.73
CA PRO A 149 1.97 28.47 5.78
C PRO A 149 2.31 28.84 4.34
N GLY A 150 2.65 27.83 3.53
CA GLY A 150 3.01 28.05 2.14
C GLY A 150 4.40 28.61 1.90
N ASP A 151 5.12 28.99 2.95
CA ASP A 151 6.49 29.44 2.84
C ASP A 151 7.36 28.21 2.74
N ALA A 152 8.11 28.10 1.64
CA ALA A 152 8.95 26.96 1.38
C ALA A 152 10.33 27.03 2.00
N ARG A 153 10.72 28.17 2.59
CA ARG A 153 12.00 28.23 3.27
C ARG A 153 12.06 27.22 4.41
N ASP A 154 13.22 26.54 4.55
CA ASP A 154 13.49 25.67 5.70
C ASP A 154 12.46 24.56 5.83
N THR A 155 12.21 23.87 4.71
CA THR A 155 11.24 22.78 4.62
C THR A 155 11.86 21.58 3.92
N SER A 156 11.21 20.45 4.10
CA SER A 156 11.39 19.30 3.23
C SER A 156 10.08 18.51 3.21
N SER A 157 10.11 17.30 2.66
CA SER A 157 8.93 16.48 2.68
C SER A 157 9.22 15.26 3.52
N PRO A 158 8.19 14.60 4.03
CA PRO A 158 8.46 13.38 4.83
C PRO A 158 9.20 12.30 4.04
N ARG A 159 8.89 12.11 2.75
CA ARG A 159 9.59 11.13 1.95
C ARG A 159 11.06 11.50 1.79
N ALA A 160 11.35 12.76 1.49
CA ALA A 160 12.76 13.08 1.27
C ALA A 160 13.54 12.98 2.56
N VAL A 161 12.94 13.40 3.67
CA VAL A 161 13.56 13.22 4.97
C VAL A 161 13.90 11.74 5.20
N THR A 162 12.90 10.87 5.08
CA THR A 162 13.10 9.44 5.26
C THR A 162 14.18 8.91 4.31
N GLU A 163 14.11 9.26 3.03
CA GLU A 163 15.09 8.72 2.09
C GLU A 163 16.52 9.19 2.41
N SER A 164 16.66 10.44 2.85
CA SER A 164 17.98 10.92 3.24
C SER A 164 18.46 10.27 4.53
N LEU A 165 17.58 10.15 5.52
CA LEU A 165 17.95 9.47 6.74
C LEU A 165 18.41 8.04 6.44
N GLN A 166 17.72 7.34 5.55
CA GLN A 166 18.12 5.99 5.14
C GLN A 166 19.52 5.98 4.55
N LYS A 167 19.80 6.88 3.60
CA LYS A 167 21.11 6.89 2.97
C LYS A 167 22.23 7.08 3.99
N LEU A 168 22.00 7.92 5.01
CA LEU A 168 23.05 8.33 5.93
C LEU A 168 23.27 7.32 7.05
N THR A 169 22.21 6.63 7.48
CA THR A 169 22.31 5.68 8.57
C THR A 169 22.49 4.25 8.11
N LEU A 170 21.97 3.88 6.95
CA LEU A 170 21.94 2.51 6.50
C LEU A 170 22.60 2.30 5.14
N GLY A 171 22.73 3.32 4.32
CA GLY A 171 23.39 3.21 3.04
C GLY A 171 24.83 3.64 3.13
N SER A 172 25.36 4.09 2.01
CA SER A 172 26.79 4.31 1.88
C SER A 172 27.19 5.77 1.90
N ALA A 173 26.25 6.70 2.06
CA ALA A 173 26.57 8.12 2.09
C ALA A 173 27.76 8.43 3.01
N LEU A 174 27.79 7.83 4.20
CA LEU A 174 28.81 8.05 5.20
C LEU A 174 29.69 6.82 5.34
N ALA A 175 30.96 7.02 5.67
CA ALA A 175 31.82 5.89 5.91
C ALA A 175 31.34 5.15 7.14
N ALA A 176 31.73 3.89 7.26
CA ALA A 176 31.24 3.04 8.33
C ALA A 176 31.38 3.66 9.72
N PRO A 177 32.53 4.17 10.13
CA PRO A 177 32.65 4.75 11.48
C PRO A 177 31.80 6.00 11.69
N GLN A 178 31.83 6.89 10.71
CA GLN A 178 30.97 8.06 10.73
C GLN A 178 29.50 7.64 10.85
N ARG A 179 29.12 6.59 10.14
CA ARG A 179 27.73 6.11 10.14
C ARG A 179 27.32 5.60 11.52
N GLN A 180 28.14 4.76 12.13
CA GLN A 180 27.84 4.29 13.46
C GLN A 180 27.72 5.45 14.44
N GLN A 181 28.58 6.46 14.27
CA GLN A 181 28.51 7.59 15.18
C GLN A 181 27.17 8.30 15.05
N PHE A 182 26.71 8.47 13.81
CA PHE A 182 25.44 9.18 13.56
C PHE A 182 24.27 8.41 14.15
N VAL A 183 24.26 7.09 13.98
CA VAL A 183 23.24 6.25 14.58
C VAL A 183 23.31 6.33 16.10
N ASP A 184 24.51 6.31 16.66
CA ASP A 184 24.63 6.39 18.11
C ASP A 184 24.09 7.71 18.65
N TRP A 185 24.38 8.85 18.01
CA TRP A 185 23.82 10.10 18.52
C TRP A 185 22.31 10.07 18.47
N LEU A 186 21.74 9.56 17.38
CA LEU A 186 20.28 9.50 17.27
C LEU A 186 19.69 8.60 18.35
N LYS A 187 20.35 7.47 18.63
CA LYS A 187 19.87 6.54 19.65
C LYS A 187 19.89 7.19 21.03
N GLY A 188 20.75 8.17 21.25
CA GLY A 188 20.79 8.86 22.54
C GLY A 188 19.94 10.09 22.63
N ASN A 189 19.06 10.35 21.67
CA ASN A 189 18.25 11.54 21.77
C ASN A 189 17.40 11.54 23.03
N THR A 190 17.28 12.72 23.67
CA THR A 190 16.51 12.87 24.89
C THR A 190 15.18 13.56 24.73
N THR A 191 14.86 14.06 23.52
CA THR A 191 13.76 14.97 23.33
C THR A 191 12.51 14.33 22.76
N GLY A 192 12.58 13.06 22.39
CA GLY A 192 11.54 12.42 21.61
C GLY A 192 10.75 11.32 22.28
N ASN A 193 10.65 11.33 23.60
CA ASN A 193 9.98 10.24 24.29
C ASN A 193 8.45 10.23 24.09
N HIS A 194 7.83 11.35 23.75
CA HIS A 194 6.38 11.38 23.53
C HIS A 194 5.98 11.31 22.07
N ARG A 195 6.92 11.05 21.17
CA ARG A 195 6.67 11.13 19.73
C ARG A 195 6.84 9.71 19.18
N ILE A 196 7.75 9.49 18.23
CA ILE A 196 7.82 8.18 17.61
C ILE A 196 8.10 7.12 18.66
N ARG A 197 8.99 7.41 19.62
CA ARG A 197 9.33 6.45 20.67
C ARG A 197 8.07 5.99 21.40
N ALA A 198 7.11 6.88 21.61
CA ALA A 198 5.89 6.48 22.30
C ALA A 198 5.05 5.51 21.47
N ALA A 199 5.31 5.35 20.18
CA ALA A 199 4.61 4.34 19.39
C ALA A 199 5.41 3.08 19.18
N VAL A 200 6.67 3.04 19.54
CA VAL A 200 7.54 1.91 19.24
C VAL A 200 7.53 0.96 20.43
N PRO A 201 7.27 -0.35 20.24
CA PRO A 201 7.43 -1.32 21.33
C PRO A 201 8.71 -1.07 22.12
N ALA A 202 8.59 -1.12 23.44
CA ALA A 202 9.70 -0.84 24.33
C ALA A 202 10.95 -1.68 24.03
N ASP A 203 10.79 -2.84 23.40
CA ASP A 203 11.91 -3.72 23.11
C ASP A 203 12.50 -3.51 21.73
N TRP A 204 12.14 -2.43 21.06
CA TRP A 204 12.75 -2.08 19.78
C TRP A 204 13.70 -0.91 19.98
N ALA A 205 14.90 -1.04 19.43
CA ALA A 205 15.84 0.07 19.43
C ALA A 205 15.36 1.17 18.50
N VAL A 206 15.60 2.41 18.91
CA VAL A 206 15.15 3.60 18.21
C VAL A 206 16.22 4.67 18.30
N GLY A 207 16.47 5.33 17.18
CA GLY A 207 17.10 6.64 17.19
C GLY A 207 16.17 7.63 16.53
N ASP A 208 16.14 8.86 17.04
CA ASP A 208 15.25 9.86 16.46
C ASP A 208 15.80 11.28 16.61
N LYS A 209 15.16 12.19 15.87
CA LYS A 209 15.39 13.63 15.97
C LYS A 209 14.05 14.34 15.86
N THR A 210 13.73 15.15 16.87
CA THR A 210 12.49 15.92 16.94
C THR A 210 12.65 17.32 16.38
N GLY A 211 11.52 17.96 16.11
CA GLY A 211 11.48 19.38 15.82
C GLY A 211 10.20 20.02 16.28
N THR A 212 10.29 21.25 16.81
CA THR A 212 9.12 22.00 17.25
C THR A 212 9.35 23.48 16.93
N CYS A 213 8.51 24.02 16.05
CA CYS A 213 8.66 25.39 15.62
C CYS A 213 8.05 26.36 16.60
N GLY A 214 7.03 25.94 17.36
CA GLY A 214 6.43 26.79 18.36
C GLY A 214 5.26 27.62 17.88
N VAL A 215 4.91 27.53 16.61
CA VAL A 215 3.82 28.30 16.00
C VAL A 215 3.17 27.41 14.96
N TYR A 216 1.93 27.71 14.64
CA TYR A 216 1.26 27.07 13.51
C TYR A 216 1.21 25.55 13.66
N GLY A 217 1.03 25.08 14.90
CA GLY A 217 0.86 23.65 15.16
C GLY A 217 1.92 22.78 14.51
N THR A 218 3.16 23.28 14.44
CA THR A 218 4.18 22.71 13.58
C THR A 218 5.22 22.01 14.45
N ALA A 219 5.32 20.68 14.30
CA ALA A 219 6.28 19.84 15.01
C ALA A 219 6.46 18.53 14.26
N ASN A 220 7.53 17.82 14.61
CA ASN A 220 7.89 16.65 13.83
C ASN A 220 8.87 15.76 14.58
N ASP A 221 9.14 14.62 13.98
CA ASP A 221 10.04 13.60 14.48
C ASP A 221 10.39 12.68 13.31
N TYR A 222 11.64 12.29 13.20
CA TYR A 222 11.99 11.19 12.32
C TYR A 222 12.89 10.20 13.06
N ALA A 223 12.93 8.96 12.58
CA ALA A 223 13.53 7.91 13.37
C ALA A 223 13.93 6.72 12.50
N VAL A 224 14.95 6.02 12.97
CA VAL A 224 15.26 4.66 12.57
C VAL A 224 14.86 3.74 13.72
N VAL A 225 14.17 2.66 13.38
CA VAL A 225 13.62 1.71 14.34
C VAL A 225 14.08 0.33 13.91
N TRP A 226 14.57 -0.48 14.86
CA TRP A 226 14.97 -1.85 14.55
C TRP A 226 13.95 -2.80 15.15
N PRO A 227 13.05 -3.36 14.37
CA PRO A 227 12.20 -4.43 14.88
C PRO A 227 13.02 -5.69 15.19
N THR A 228 12.54 -6.46 16.15
CA THR A 228 13.22 -7.68 16.57
C THR A 228 13.50 -8.58 15.38
N GLY A 229 14.77 -8.90 15.19
CA GLY A 229 15.19 -9.87 14.20
C GLY A 229 15.25 -9.38 12.76
N ARG A 230 15.00 -8.10 12.51
CA ARG A 230 14.69 -7.64 11.18
C ARG A 230 15.57 -6.48 10.77
N ALA A 231 15.60 -6.24 9.46
CA ALA A 231 16.13 -5.00 8.93
C ALA A 231 15.28 -3.84 9.44
N PRO A 232 15.83 -2.64 9.48
CA PRO A 232 15.18 -1.55 10.19
C PRO A 232 14.10 -0.85 9.36
N ILE A 233 13.21 -0.19 10.08
CA ILE A 233 12.24 0.75 9.52
C ILE A 233 12.74 2.17 9.71
N VAL A 234 12.59 2.99 8.69
CA VAL A 234 12.85 4.42 8.73
C VAL A 234 11.56 5.18 8.48
N LEU A 235 11.27 6.21 9.30
CA LEU A 235 10.03 6.96 9.09
C LEU A 235 10.19 8.41 9.52
N ALA A 236 9.26 9.22 9.04
CA ALA A 236 9.22 10.66 9.25
C ALA A 236 7.78 11.06 9.44
N VAL A 237 7.51 11.84 10.49
CA VAL A 237 6.17 12.30 10.84
C VAL A 237 6.25 13.80 11.05
N TYR A 238 5.54 14.57 10.23
CA TYR A 238 5.57 16.02 10.30
C TYR A 238 4.14 16.56 10.42
N THR A 239 3.96 17.64 11.18
CA THR A 239 2.67 18.30 11.28
C THR A 239 2.79 19.78 11.01
N ARG A 240 1.67 20.38 10.63
CA ARG A 240 1.53 21.83 10.53
C ARG A 240 0.05 22.14 10.64
N ALA A 241 -0.26 23.41 10.81
CA ALA A 241 -1.65 23.80 10.95
C ALA A 241 -1.81 25.23 10.47
N PRO A 242 -3.02 25.65 10.17
CA PRO A 242 -3.20 26.89 9.41
C PRO A 242 -3.19 28.17 10.23
N ASN A 243 -3.41 28.13 11.55
CA ASN A 243 -3.42 29.32 12.40
C ASN A 243 -2.14 29.42 13.22
N LYS A 244 -1.66 30.65 13.41
CA LYS A 244 -0.44 30.91 14.16
C LYS A 244 -0.47 30.26 15.53
N ASP A 245 -1.60 30.36 16.21
CA ASP A 245 -1.80 29.94 17.59
C ASP A 245 -2.35 28.51 17.72
N ASP A 246 -2.43 27.77 16.62
CA ASP A 246 -2.80 26.37 16.73
C ASP A 246 -1.69 25.61 17.46
N LYS A 247 -2.06 24.85 18.48
CA LYS A 247 -1.10 24.07 19.24
C LYS A 247 -0.68 22.81 18.48
N HIS A 248 0.63 22.55 18.45
CA HIS A 248 1.09 21.24 18.03
C HIS A 248 0.67 20.17 19.05
N SER A 249 0.71 18.91 18.63
CA SER A 249 0.40 17.77 19.49
C SER A 249 1.45 16.67 19.39
N GLU A 250 2.06 16.32 20.52
CA GLU A 250 2.93 15.15 20.51
C GLU A 250 2.15 13.85 20.34
N ALA A 251 0.96 13.79 20.93
CA ALA A 251 0.11 12.61 20.78
C ALA A 251 -0.28 12.38 19.34
N VAL A 252 -0.45 13.44 18.56
CA VAL A 252 -0.78 13.27 17.14
C VAL A 252 0.40 12.65 16.41
N ILE A 253 1.60 13.14 16.70
CA ILE A 253 2.78 12.56 16.07
C ILE A 253 2.90 11.08 16.44
N ALA A 254 2.73 10.75 17.71
CA ALA A 254 2.83 9.35 18.13
C ALA A 254 1.78 8.49 17.46
N ALA A 255 0.53 8.96 17.45
CA ALA A 255 -0.54 8.25 16.79
C ALA A 255 -0.22 8.01 15.32
N ALA A 256 0.27 9.04 14.62
CA ALA A 256 0.51 8.88 13.19
C ALA A 256 1.62 7.87 12.96
N ALA A 257 2.65 7.92 13.80
CA ALA A 257 3.70 6.90 13.78
C ALA A 257 3.15 5.51 14.03
N ARG A 258 2.20 5.39 14.95
CA ARG A 258 1.64 4.08 15.25
C ARG A 258 0.86 3.54 14.06
N LEU A 259 0.07 4.38 13.41
CA LEU A 259 -0.61 3.95 12.19
C LEU A 259 0.39 3.47 11.15
N ALA A 260 1.51 4.15 10.98
CA ALA A 260 2.49 3.71 9.98
C ALA A 260 3.08 2.36 10.36
N LEU A 261 3.46 2.20 11.62
CA LEU A 261 4.06 0.96 12.04
C LEU A 261 3.07 -0.18 11.95
N GLU A 262 1.81 0.08 12.31
CA GLU A 262 0.78 -0.96 12.19
C GLU A 262 0.52 -1.30 10.73
N GLY A 263 0.59 -0.30 9.85
CA GLY A 263 0.44 -0.58 8.44
C GLY A 263 1.58 -1.34 7.85
N LEU A 264 2.76 -1.27 8.46
CA LEU A 264 3.86 -2.07 7.98
C LEU A 264 3.88 -3.50 8.54
N GLY A 265 3.64 -3.71 9.85
N LEU B 4 -12.55 37.71 14.92
CA LEU B 4 -12.04 36.55 14.16
C LEU B 4 -13.25 35.80 13.64
N VAL B 5 -13.41 35.30 12.41
CA VAL B 5 -12.63 35.37 11.15
C VAL B 5 -12.44 33.94 10.74
N ALA B 6 -11.80 33.14 11.57
CA ALA B 6 -11.63 31.74 11.25
C ALA B 6 -12.75 30.89 11.79
N GLU B 7 -13.36 31.31 12.89
CA GLU B 7 -14.42 30.51 13.49
C GLU B 7 -15.55 30.25 12.51
N PRO B 8 -16.01 31.21 11.71
CA PRO B 8 -17.10 30.87 10.79
C PRO B 8 -16.75 29.75 9.82
N PHE B 9 -15.50 29.71 9.33
CA PHE B 9 -15.08 28.63 8.43
C PHE B 9 -14.93 27.34 9.19
N ALA B 10 -14.41 27.41 10.40
CA ALA B 10 -14.23 26.21 11.21
C ALA B 10 -15.57 25.59 11.52
N LYS B 11 -16.57 26.41 11.86
CA LYS B 11 -17.91 25.90 12.11
C LYS B 11 -18.50 25.29 10.85
N LEU B 12 -18.35 25.96 9.73
CA LEU B 12 -18.90 25.44 8.48
C LEU B 12 -18.30 24.09 8.15
N GLU B 13 -17.00 24.00 8.27
CA GLU B 13 -16.21 22.79 8.06
C GLU B 13 -16.70 21.66 8.95
N GLN B 14 -16.91 21.97 10.22
CA GLN B 14 -17.32 20.99 11.22
C GLN B 14 -18.72 20.45 10.96
N ASP B 15 -19.66 21.32 10.58
CA ASP B 15 -21.00 20.85 10.18
C ASP B 15 -20.95 20.04 8.89
N PHE B 16 -20.06 20.41 7.98
CA PHE B 16 -19.82 19.66 6.75
C PHE B 16 -19.25 18.29 7.04
N GLY B 17 -18.38 18.17 8.02
CA GLY B 17 -17.69 16.91 8.29
C GLY B 17 -16.38 16.71 7.56
N GLY B 18 -15.66 17.78 7.23
CA GLY B 18 -14.49 17.69 6.40
C GLY B 18 -13.72 18.97 6.50
N SER B 19 -12.90 19.25 5.48
CA SER B 19 -12.06 20.43 5.44
C SER B 19 -12.44 21.34 4.28
N ILE B 20 -12.42 22.63 4.56
CA ILE B 20 -12.69 23.67 3.59
C ILE B 20 -11.46 24.59 3.46
N GLY B 21 -11.05 24.83 2.23
CA GLY B 21 -9.98 25.75 1.92
C GLY B 21 -10.44 26.93 1.10
N VAL B 22 -10.08 28.12 1.54
CA VAL B 22 -10.55 29.35 0.91
C VAL B 22 -9.39 30.32 0.77
N TYR B 23 -9.37 30.99 -0.37
CA TYR B 23 -8.53 32.15 -0.59
C TYR B 23 -9.24 33.13 -1.54
N ALA B 24 -9.35 34.36 -1.12
CA ALA B 24 -9.97 35.42 -1.90
C ALA B 24 -9.08 36.65 -1.89
N MET B 25 -9.01 37.34 -3.03
CA MET B 25 -8.21 38.55 -3.20
C MET B 25 -9.08 39.62 -3.84
N ASP B 26 -9.15 40.77 -3.21
CA ASP B 26 -9.73 41.95 -3.83
C ASP B 26 -8.63 42.67 -4.58
N THR B 27 -8.70 42.65 -5.91
CA THR B 27 -7.63 43.23 -6.73
C THR B 27 -7.57 44.75 -6.66
N GLY B 28 -8.54 45.40 -6.03
CA GLY B 28 -8.52 46.83 -5.89
C GLY B 28 -7.91 47.27 -4.58
N SER B 29 -8.31 46.62 -3.50
CA SER B 29 -7.74 46.92 -2.21
C SER B 29 -6.49 46.13 -1.91
N GLY B 30 -6.35 44.94 -2.45
CA GLY B 30 -5.33 44.06 -1.97
C GLY B 30 -5.68 43.30 -0.70
N ALA B 31 -6.88 43.48 -0.16
CA ALA B 31 -7.32 42.70 0.99
C ALA B 31 -7.50 41.25 0.59
N THR B 32 -7.23 40.35 1.53
CA THR B 32 -7.34 38.93 1.29
C THR B 32 -8.10 38.28 2.42
N VAL B 33 -8.69 37.13 2.10
CA VAL B 33 -9.33 36.22 3.05
C VAL B 33 -8.69 34.85 2.83
N SER B 34 -8.25 34.23 3.92
CA SER B 34 -7.59 32.93 3.81
C SER B 34 -7.96 32.03 4.98
N TYR B 35 -8.18 30.75 4.66
CA TYR B 35 -8.53 29.71 5.62
C TYR B 35 -8.11 28.41 4.95
N ARG B 36 -7.11 27.75 5.53
CA ARG B 36 -6.49 26.58 4.91
C ARG B 36 -6.01 26.87 3.51
N ALA B 37 -5.64 28.13 3.23
CA ALA B 37 -5.33 28.55 1.87
C ALA B 37 -4.07 27.89 1.31
N GLU B 38 -3.18 27.40 2.15
CA GLU B 38 -1.97 26.75 1.67
C GLU B 38 -2.03 25.22 1.71
N GLU B 39 -3.13 24.62 2.15
CA GLU B 39 -3.24 23.16 2.12
C GLU B 39 -3.55 22.67 0.71
N ARG B 40 -3.10 21.45 0.42
CA ARG B 40 -3.48 20.78 -0.80
C ARG B 40 -4.90 20.23 -0.75
N PHE B 41 -5.55 20.29 -1.91
CA PHE B 41 -6.88 19.77 -2.18
C PHE B 41 -6.87 19.21 -3.59
N PRO B 42 -7.63 18.18 -3.86
CA PRO B 42 -7.74 17.71 -5.26
C PRO B 42 -8.39 18.75 -6.15
N LEU B 43 -7.84 18.86 -7.37
CA LEU B 43 -8.40 19.76 -8.37
C LEU B 43 -9.74 19.26 -8.93
N CYS B 44 -9.92 17.95 -9.09
CA CYS B 44 -11.06 17.43 -9.84
C CYS B 44 -11.09 18.15 -11.20
N SER B 45 -12.25 18.53 -11.72
CA SER B 45 -12.28 19.13 -13.04
C SER B 45 -11.76 20.55 -13.07
N SER B 46 -11.38 21.12 -11.93
CA SER B 46 -11.03 22.53 -11.94
C SER B 46 -9.75 22.78 -12.73
N PHE B 47 -8.90 21.76 -12.92
CA PHE B 47 -7.73 21.93 -13.80
C PHE B 47 -8.12 22.34 -15.22
N LYS B 48 -9.36 22.10 -15.64
CA LYS B 48 -9.73 22.33 -17.04
C LYS B 48 -9.68 23.79 -17.43
N GLY B 49 -9.92 24.70 -16.50
CA GLY B 49 -9.72 26.10 -16.80
C GLY B 49 -8.26 26.41 -17.09
N PHE B 50 -7.35 25.88 -16.28
CA PHE B 50 -5.94 26.13 -16.56
C PHE B 50 -5.51 25.43 -17.84
N LEU B 51 -6.12 24.28 -18.15
CA LEU B 51 -5.87 23.61 -19.41
C LEU B 51 -6.22 24.51 -20.59
N ALA B 52 -7.40 25.11 -20.54
CA ALA B 52 -7.78 26.04 -21.60
C ALA B 52 -6.81 27.21 -21.69
N ALA B 53 -6.35 27.71 -20.55
CA ALA B 53 -5.45 28.84 -20.57
C ALA B 53 -4.10 28.46 -21.19
N ALA B 54 -3.64 27.26 -20.90
CA ALA B 54 -2.40 26.77 -21.48
C ALA B 54 -2.55 26.63 -22.99
N VAL B 55 -3.71 26.15 -23.45
CA VAL B 55 -3.99 26.10 -24.89
C VAL B 55 -3.88 27.48 -25.48
N LEU B 56 -4.52 28.45 -24.85
CA LEU B 56 -4.44 29.81 -25.34
C LEU B 56 -2.98 30.29 -25.39
N ALA B 57 -2.18 29.95 -24.37
CA ALA B 57 -0.79 30.38 -24.34
C ALA B 57 -0.03 29.81 -25.52
N ARG B 58 -0.27 28.54 -25.85
CA ARG B 58 0.36 27.96 -27.02
C ARG B 58 -0.10 28.64 -28.32
N SER B 59 -1.37 29.04 -28.41
CA SER B 59 -1.87 29.76 -29.58
C SER B 59 -1.15 31.07 -29.81
N GLN B 60 -0.49 31.62 -28.80
CA GLN B 60 0.36 32.78 -29.02
C GLN B 60 1.57 32.43 -29.88
N GLN B 61 1.98 31.16 -29.92
CA GLN B 61 3.12 30.72 -30.72
C GLN B 61 2.79 29.74 -31.86
N GLN B 62 1.54 29.31 -32.00
CA GLN B 62 1.14 28.33 -33.04
C GLN B 62 -0.04 28.91 -33.75
N ALA B 63 0.20 29.65 -34.83
CA ALA B 63 -0.91 30.32 -35.50
C ALA B 63 -1.94 29.30 -35.96
N GLY B 64 -3.22 29.65 -35.79
CA GLY B 64 -4.30 28.78 -36.16
C GLY B 64 -4.61 27.65 -35.21
N LEU B 65 -3.95 27.56 -34.06
CA LEU B 65 -4.16 26.43 -33.15
C LEU B 65 -5.63 26.27 -32.79
N LEU B 66 -6.31 27.36 -32.43
CA LEU B 66 -7.69 27.23 -31.97
C LEU B 66 -8.64 26.82 -33.08
N ASP B 67 -8.40 27.27 -34.29
CA ASP B 67 -9.18 26.82 -35.45
C ASP B 67 -8.79 25.42 -35.95
N THR B 68 -7.87 24.70 -35.31
CA THR B 68 -7.42 23.40 -35.85
C THR B 68 -8.41 22.28 -35.49
N PRO B 69 -9.00 21.58 -36.47
CA PRO B 69 -9.90 20.47 -36.14
C PRO B 69 -9.15 19.28 -35.55
N ILE B 70 -9.80 18.63 -34.58
CA ILE B 70 -9.33 17.38 -33.97
C ILE B 70 -10.38 16.31 -34.29
N ARG B 71 -9.97 15.28 -35.03
CA ARG B 71 -10.87 14.18 -35.43
C ARG B 71 -10.55 12.97 -34.55
N TYR B 72 -11.25 12.87 -33.46
CA TYR B 72 -11.02 11.82 -32.48
C TYR B 72 -11.95 10.64 -32.74
N GLY B 73 -11.57 9.48 -32.23
CA GLY B 73 -12.37 8.28 -32.37
C GLY B 73 -13.13 7.93 -31.10
N LYS B 74 -13.98 6.90 -31.21
CA LYS B 74 -14.86 6.47 -30.12
C LYS B 74 -14.05 6.11 -28.87
N ASN B 75 -12.78 5.75 -29.03
CA ASN B 75 -12.01 5.30 -27.89
C ASN B 75 -11.13 6.39 -27.29
N ALA B 76 -11.40 7.65 -27.65
CA ALA B 76 -11.02 8.82 -26.87
C ALA B 76 -12.11 9.19 -25.86
N LEU B 77 -13.28 8.62 -25.98
CA LEU B 77 -14.41 9.01 -25.17
C LEU B 77 -14.40 8.33 -23.80
N VAL B 78 -14.70 9.12 -22.78
CA VAL B 78 -14.97 8.64 -21.43
C VAL B 78 -16.34 9.20 -21.07
N PRO B 79 -17.02 8.58 -20.11
CA PRO B 79 -18.29 9.14 -19.64
C PRO B 79 -18.18 10.58 -19.16
N TRP B 80 -19.33 11.20 -19.03
CA TRP B 80 -19.45 12.61 -18.71
C TRP B 80 -18.68 13.43 -19.74
N SER B 81 -18.97 13.15 -21.00
CA SER B 81 -18.39 13.86 -22.15
C SER B 81 -19.49 14.21 -23.13
N PRO B 82 -20.48 14.99 -22.70
CA PRO B 82 -21.67 15.18 -23.54
C PRO B 82 -21.37 15.90 -24.85
N ILE B 83 -20.46 16.86 -24.86
CA ILE B 83 -20.22 17.59 -26.10
C ILE B 83 -19.44 16.72 -27.07
N SER B 84 -18.41 16.03 -26.58
CA SER B 84 -17.57 15.20 -27.42
C SER B 84 -18.36 14.04 -28.00
N GLU B 85 -19.28 13.48 -27.21
CA GLU B 85 -20.11 12.38 -27.67
C GLU B 85 -21.02 12.83 -28.79
N LYS B 86 -21.70 13.96 -28.58
CA LYS B 86 -22.56 14.54 -29.58
C LYS B 86 -21.82 14.74 -30.90
N TYR B 87 -20.60 15.25 -30.86
CA TYR B 87 -19.85 15.61 -32.05
C TYR B 87 -18.83 14.55 -32.48
N LEU B 88 -18.98 13.31 -32.03
CA LEU B 88 -18.05 12.25 -32.43
C LEU B 88 -17.88 12.15 -33.94
N THR B 89 -18.99 12.25 -34.69
CA THR B 89 -18.98 12.12 -36.14
C THR B 89 -18.19 13.24 -36.81
N THR B 90 -18.26 14.45 -36.28
CA THR B 90 -17.63 15.57 -36.95
C THR B 90 -16.25 15.89 -36.39
N GLY B 91 -15.98 15.55 -35.12
CA GLY B 91 -14.82 16.07 -34.45
C GLY B 91 -15.06 17.49 -33.99
N MET B 92 -14.00 18.13 -33.49
CA MET B 92 -14.13 19.48 -32.92
C MET B 92 -12.82 20.23 -33.02
N THR B 93 -12.92 21.53 -33.11
CA THR B 93 -11.71 22.35 -33.12
C THR B 93 -11.16 22.46 -31.70
N VAL B 94 -9.89 22.84 -31.61
CA VAL B 94 -9.28 23.08 -30.32
C VAL B 94 -10.10 24.07 -29.49
N ALA B 95 -10.60 25.14 -30.15
CA ALA B 95 -11.42 26.12 -29.42
C ALA B 95 -12.71 25.50 -28.91
N GLU B 96 -13.38 24.71 -29.73
CA GLU B 96 -14.63 24.05 -29.33
C GLU B 96 -14.38 23.06 -28.21
N LEU B 97 -13.24 22.38 -28.23
CA LEU B 97 -12.88 21.46 -27.15
C LEU B 97 -12.61 22.22 -25.87
N SER B 98 -11.96 23.37 -26.01
CA SER B 98 -11.68 24.22 -24.85
C SER B 98 -12.97 24.70 -24.23
N ALA B 99 -13.88 25.23 -25.05
CA ALA B 99 -15.16 25.68 -24.53
C ALA B 99 -15.89 24.54 -23.84
N ALA B 100 -15.91 23.37 -24.46
CA ALA B 100 -16.59 22.22 -23.88
C ALA B 100 -15.97 21.84 -22.54
N ALA B 101 -14.64 21.81 -22.47
CA ALA B 101 -13.96 21.46 -21.23
C ALA B 101 -14.23 22.49 -20.13
N VAL B 102 -14.25 23.76 -20.47
CA VAL B 102 -14.43 24.78 -19.45
C VAL B 102 -15.89 24.90 -19.03
N GLN B 103 -16.78 25.04 -20.00
CA GLN B 103 -18.17 25.37 -19.72
C GLN B 103 -19.06 24.18 -19.44
N TYR B 104 -18.69 22.98 -19.90
CA TYR B 104 -19.44 21.76 -19.57
C TYR B 104 -18.59 20.74 -18.84
N SER B 105 -17.31 21.02 -18.60
CA SER B 105 -16.46 20.10 -17.87
C SER B 105 -16.29 18.78 -18.62
N ASP B 106 -16.41 18.84 -19.95
CA ASP B 106 -16.38 17.66 -20.80
C ASP B 106 -15.03 16.94 -20.66
N ASN B 107 -15.08 15.65 -20.32
CA ASN B 107 -13.88 14.93 -19.91
C ASN B 107 -13.08 14.42 -21.10
N ALA B 108 -13.74 13.88 -22.12
CA ALA B 108 -12.98 13.48 -23.31
C ALA B 108 -12.33 14.69 -23.96
N ALA B 109 -13.00 15.85 -23.95
CA ALA B 109 -12.38 17.04 -24.51
C ALA B 109 -11.13 17.40 -23.74
N ALA B 110 -11.17 17.28 -22.43
CA ALA B 110 -10.00 17.62 -21.64
C ALA B 110 -8.84 16.66 -21.94
N ASN B 111 -9.13 15.37 -22.10
CA ASN B 111 -8.01 14.47 -22.43
C ASN B 111 -7.40 14.79 -23.80
N LEU B 112 -8.23 15.14 -24.79
CA LEU B 112 -7.70 15.49 -26.10
C LEU B 112 -6.83 16.75 -26.04
N LEU B 113 -7.27 17.78 -25.32
CA LEU B 113 -6.42 18.96 -25.16
C LEU B 113 -5.14 18.63 -24.40
N LEU B 114 -5.24 17.82 -23.35
CA LEU B 114 -4.06 17.43 -22.57
C LEU B 114 -3.03 16.78 -23.48
N LYS B 115 -3.48 15.92 -24.38
CA LYS B 115 -2.60 15.25 -25.33
C LYS B 115 -1.87 16.24 -26.22
N GLU B 116 -2.56 17.29 -26.66
CA GLU B 116 -1.88 18.27 -27.49
C GLU B 116 -0.83 19.06 -26.73
N LEU B 117 -0.89 19.04 -25.40
CA LEU B 117 0.04 19.82 -24.60
C LEU B 117 1.14 18.98 -24.00
N GLY B 118 1.20 17.71 -24.34
CA GLY B 118 2.17 16.83 -23.74
C GLY B 118 1.71 16.15 -22.46
N GLY B 119 0.41 16.12 -22.21
CA GLY B 119 -0.12 15.36 -21.11
C GLY B 119 -0.07 16.14 -19.82
N PRO B 120 -0.43 15.48 -18.72
CA PRO B 120 -0.52 16.19 -17.43
C PRO B 120 0.78 16.85 -17.02
N ALA B 121 1.91 16.25 -17.38
CA ALA B 121 3.19 16.88 -17.17
C ALA B 121 3.39 18.11 -18.05
N GLY B 122 2.79 18.13 -19.24
CA GLY B 122 2.82 19.33 -20.05
C GLY B 122 2.12 20.48 -19.36
N LEU B 123 0.89 20.24 -18.88
CA LEU B 123 0.13 21.29 -18.21
C LEU B 123 0.82 21.73 -16.92
N THR B 124 1.38 20.80 -16.16
CA THR B 124 2.13 21.19 -14.97
C THR B 124 3.27 22.13 -15.32
N ALA B 125 3.97 21.83 -16.41
CA ALA B 125 5.10 22.66 -16.84
C ALA B 125 4.61 24.03 -17.28
N PHE B 126 3.45 24.11 -17.92
CA PHE B 126 2.95 25.43 -18.21
C PHE B 126 2.69 26.18 -16.93
N MET B 127 2.13 25.50 -15.93
CA MET B 127 1.80 26.21 -14.70
C MET B 127 3.07 26.66 -13.97
N ARG B 128 4.11 25.82 -13.95
CA ARG B 128 5.42 26.26 -13.45
C ARG B 128 5.92 27.48 -14.20
N SER B 129 5.71 27.52 -15.51
CA SER B 129 6.21 28.64 -16.31
C SER B 129 5.59 29.98 -15.94
N ILE B 130 4.44 29.98 -15.26
CA ILE B 130 3.83 31.22 -14.80
C ILE B 130 4.06 31.45 -13.34
N GLY B 131 4.93 30.67 -12.69
CA GLY B 131 5.24 30.93 -11.29
C GLY B 131 4.42 30.17 -10.30
N ASP B 132 3.71 29.16 -10.73
CA ASP B 132 2.90 28.34 -9.84
C ASP B 132 3.74 27.12 -9.52
N THR B 133 4.23 27.06 -8.31
CA THR B 133 5.02 25.94 -7.85
C THR B 133 4.21 24.92 -7.08
N THR B 134 2.91 25.17 -6.88
CA THR B 134 2.07 24.25 -6.15
C THR B 134 1.30 23.30 -7.06
N PHE B 135 0.73 23.78 -8.15
CA PHE B 135 -0.08 22.96 -9.05
C PHE B 135 0.64 21.69 -9.48
N ARG B 136 -0.05 20.56 -9.40
CA ARG B 136 0.41 19.38 -10.11
C ARG B 136 -0.75 18.62 -10.71
N LEU B 137 -0.67 18.38 -12.01
CA LEU B 137 -1.52 17.40 -12.67
C LEU B 137 -0.67 16.21 -13.09
N ASP B 138 -1.13 15.03 -12.70
CA ASP B 138 -0.41 13.78 -12.77
C ASP B 138 -1.08 12.77 -13.67
N ARG B 139 -2.40 12.77 -13.73
CA ARG B 139 -3.15 11.72 -14.39
C ARG B 139 -4.16 12.34 -15.35
N TRP B 140 -4.74 11.46 -16.14
CA TRP B 140 -5.78 11.73 -17.12
C TRP B 140 -7.17 11.50 -16.52
N GLU B 141 -8.19 11.97 -17.24
CA GLU B 141 -9.58 11.72 -16.90
C GLU B 141 -9.81 10.26 -17.23
N LEU B 142 -10.57 9.49 -16.44
CA LEU B 142 -11.22 9.93 -15.18
C LEU B 142 -10.40 9.61 -13.93
N GLU B 143 -9.25 8.95 -14.11
CA GLU B 143 -8.44 8.50 -12.98
C GLU B 143 -8.07 9.64 -12.04
N LEU B 144 -7.96 10.86 -12.55
CA LEU B 144 -7.47 11.94 -11.70
C LEU B 144 -8.46 12.33 -10.64
N ASN B 145 -9.64 11.73 -10.61
CA ASN B 145 -10.64 12.06 -9.60
C ASN B 145 -10.62 11.16 -8.37
N SER B 146 -9.68 10.22 -8.25
CA SER B 146 -9.69 9.35 -7.05
C SER B 146 -9.75 10.15 -5.75
N ALA B 147 -9.06 11.31 -5.67
CA ALA B 147 -9.18 12.22 -4.50
C ALA B 147 -8.83 11.54 -3.16
N ILE B 148 -7.89 10.62 -3.16
CA ILE B 148 -7.59 9.90 -1.91
C ILE B 148 -6.93 10.85 -0.92
N PRO B 149 -7.38 10.89 0.35
CA PRO B 149 -6.71 11.71 1.35
C PRO B 149 -5.21 11.42 1.44
N GLY B 150 -4.41 12.49 1.53
CA GLY B 150 -2.99 12.39 1.62
C GLY B 150 -2.28 12.20 0.28
N ASP B 151 -3.01 11.87 -0.77
CA ASP B 151 -2.39 11.67 -2.07
C ASP B 151 -2.16 13.04 -2.71
N ALA B 152 -0.91 13.39 -2.99
CA ALA B 152 -0.60 14.69 -3.60
C ALA B 152 -0.95 14.78 -5.10
N ARG B 153 -1.20 13.68 -5.78
CA ARG B 153 -1.47 13.76 -7.21
C ARG B 153 -2.72 14.56 -7.55
N ASP B 154 -2.60 15.38 -8.59
CA ASP B 154 -3.74 16.16 -9.11
C ASP B 154 -4.37 17.05 -8.03
N THR B 155 -3.52 17.82 -7.39
CA THR B 155 -3.88 18.74 -6.34
C THR B 155 -3.22 20.08 -6.59
N SER B 156 -3.79 21.09 -5.93
CA SER B 156 -3.15 22.38 -5.72
C SER B 156 -3.63 22.93 -4.39
N SER B 157 -3.42 24.22 -4.17
CA SER B 157 -3.93 24.91 -3.00
C SER B 157 -4.82 26.08 -3.40
N PRO B 158 -5.73 26.50 -2.51
CA PRO B 158 -6.59 27.63 -2.88
C PRO B 158 -5.84 28.87 -3.26
N ARG B 159 -4.75 29.15 -2.56
CA ARG B 159 -4.04 30.39 -2.83
C ARG B 159 -3.29 30.30 -4.16
N ALA B 160 -2.67 29.16 -4.44
CA ALA B 160 -1.99 29.02 -5.71
C ALA B 160 -2.97 29.09 -6.88
N VAL B 161 -4.11 28.41 -6.75
CA VAL B 161 -5.19 28.51 -7.73
C VAL B 161 -5.58 29.97 -7.93
N THR B 162 -5.77 30.71 -6.82
CA THR B 162 -6.28 32.07 -6.98
C THR B 162 -5.24 32.94 -7.67
N GLU B 163 -3.98 32.79 -7.29
CA GLU B 163 -2.97 33.65 -7.88
C GLU B 163 -2.76 33.32 -9.35
N SER B 164 -2.78 32.03 -9.70
CA SER B 164 -2.62 31.64 -11.10
C SER B 164 -3.79 32.13 -11.93
N LEU B 165 -5.02 32.01 -11.40
CA LEU B 165 -6.19 32.52 -12.10
C LEU B 165 -6.07 34.01 -12.36
N GLN B 166 -5.61 34.76 -11.34
CA GLN B 166 -5.44 36.21 -11.43
C GLN B 166 -4.42 36.59 -12.50
N LYS B 167 -3.28 35.90 -12.49
CA LYS B 167 -2.30 36.12 -13.52
C LYS B 167 -2.90 35.96 -14.91
N LEU B 168 -3.62 34.86 -15.13
CA LEU B 168 -4.09 34.48 -16.46
C LEU B 168 -5.29 35.29 -16.94
N THR B 169 -6.17 35.73 -16.04
CA THR B 169 -7.36 36.47 -16.44
C THR B 169 -7.19 37.98 -16.38
N LEU B 170 -6.35 38.50 -15.50
CA LEU B 170 -6.17 39.94 -15.29
C LEU B 170 -4.75 40.42 -15.41
N GLY B 171 -3.76 39.55 -15.37
CA GLY B 171 -2.36 39.95 -15.37
C GLY B 171 -1.74 39.87 -16.73
N SER B 172 -0.49 39.45 -16.77
CA SER B 172 0.28 39.45 -18.01
C SER B 172 0.64 38.06 -18.49
N ALA B 173 0.21 37.00 -17.81
CA ALA B 173 0.58 35.65 -18.19
C ALA B 173 0.04 35.26 -19.57
N LEU B 174 -1.02 35.88 -20.03
CA LEU B 174 -1.54 35.68 -21.38
C LEU B 174 -1.63 37.03 -22.08
N ALA B 175 -1.38 37.04 -23.38
CA ALA B 175 -1.64 38.22 -24.18
C ALA B 175 -3.10 38.60 -24.08
N ALA B 176 -3.39 39.86 -24.45
CA ALA B 176 -4.71 40.41 -24.21
C ALA B 176 -5.87 39.71 -24.95
N PRO B 177 -5.74 39.34 -26.20
CA PRO B 177 -6.85 38.59 -26.83
C PRO B 177 -7.04 37.22 -26.20
N GLN B 178 -5.93 36.49 -26.01
CA GLN B 178 -5.98 35.22 -25.31
C GLN B 178 -6.70 35.36 -23.97
N ARG B 179 -6.39 36.43 -23.25
CA ARG B 179 -6.96 36.66 -21.92
C ARG B 179 -8.46 36.91 -22.02
N GLN B 180 -8.87 37.72 -23.00
CA GLN B 180 -10.28 37.94 -23.26
C GLN B 180 -11.00 36.63 -23.54
N GLN B 181 -10.41 35.78 -24.36
CA GLN B 181 -11.06 34.51 -24.69
C GLN B 181 -11.21 33.63 -23.44
N PHE B 182 -10.15 33.53 -22.64
CA PHE B 182 -10.20 32.78 -21.38
C PHE B 182 -11.35 33.29 -20.53
N VAL B 183 -11.41 34.61 -20.32
CA VAL B 183 -12.49 35.16 -19.51
C VAL B 183 -13.87 34.85 -20.11
N ASP B 184 -14.02 34.91 -21.44
CA ASP B 184 -15.33 34.63 -22.04
C ASP B 184 -15.75 33.19 -21.77
N TRP B 185 -14.82 32.25 -21.92
CA TRP B 185 -15.15 30.87 -21.61
C TRP B 185 -15.61 30.69 -20.17
N LEU B 186 -14.92 31.34 -19.22
CA LEU B 186 -15.27 31.21 -17.81
C LEU B 186 -16.62 31.85 -17.52
N LYS B 187 -16.88 33.01 -18.12
CA LYS B 187 -18.16 33.67 -17.97
C LYS B 187 -19.28 32.82 -18.53
N GLY B 188 -19.00 32.04 -19.56
CA GLY B 188 -20.03 31.20 -20.10
C GLY B 188 -20.14 29.84 -19.48
N ASN B 189 -19.52 29.62 -18.33
CA ASN B 189 -19.62 28.31 -17.69
C ASN B 189 -21.05 28.00 -17.23
N THR B 190 -21.50 26.76 -17.45
CA THR B 190 -22.86 26.33 -17.08
C THR B 190 -22.95 25.47 -15.83
N THR B 191 -21.84 25.07 -15.21
CA THR B 191 -21.85 24.06 -14.15
C THR B 191 -21.83 24.63 -12.74
N GLY B 192 -21.65 25.94 -12.57
CA GLY B 192 -21.42 26.53 -11.27
C GLY B 192 -22.53 27.36 -10.66
N ASN B 193 -23.76 27.17 -11.11
CA ASN B 193 -24.87 28.01 -10.64
C ASN B 193 -25.14 27.85 -9.15
N HIS B 194 -24.76 26.73 -8.54
CA HIS B 194 -24.99 26.55 -7.11
C HIS B 194 -23.73 26.74 -6.29
N ARG B 195 -22.66 27.31 -6.87
CA ARG B 195 -21.43 27.45 -6.09
C ARG B 195 -21.14 28.94 -5.92
N ILE B 196 -20.00 29.43 -6.41
CA ILE B 196 -19.67 30.83 -6.15
C ILE B 196 -20.71 31.76 -6.73
N ARG B 197 -21.24 31.45 -7.93
CA ARG B 197 -22.34 32.24 -8.48
C ARG B 197 -23.51 32.38 -7.50
N ALA B 198 -23.77 31.38 -6.64
CA ALA B 198 -24.90 31.49 -5.72
C ALA B 198 -24.63 32.42 -4.54
N ALA B 199 -23.41 32.91 -4.40
CA ALA B 199 -23.01 33.76 -3.28
C ALA B 199 -22.96 35.22 -3.66
N VAL B 200 -23.25 35.54 -4.91
CA VAL B 200 -22.85 36.81 -5.51
C VAL B 200 -24.13 37.58 -5.82
N PRO B 201 -24.22 38.88 -5.53
CA PRO B 201 -25.35 39.66 -6.03
C PRO B 201 -25.60 39.36 -7.50
N ALA B 202 -26.87 39.38 -7.89
CA ALA B 202 -27.25 38.91 -9.22
C ALA B 202 -26.73 39.79 -10.35
N ASP B 203 -26.35 41.03 -10.06
CA ASP B 203 -25.89 41.93 -11.09
C ASP B 203 -24.38 41.86 -11.31
N TRP B 204 -23.67 41.08 -10.51
CA TRP B 204 -22.23 40.93 -10.69
C TRP B 204 -21.92 39.92 -11.79
N ALA B 205 -20.92 40.20 -12.59
CA ALA B 205 -20.43 39.25 -13.59
C ALA B 205 -19.46 38.26 -12.95
N VAL B 206 -19.51 37.00 -13.38
CA VAL B 206 -18.75 35.92 -12.78
C VAL B 206 -18.25 35.03 -13.90
N GLY B 207 -16.97 34.71 -13.87
CA GLY B 207 -16.48 33.58 -14.62
C GLY B 207 -15.92 32.56 -13.64
N ASP B 208 -16.26 31.29 -13.80
CA ASP B 208 -15.83 30.29 -12.84
C ASP B 208 -15.58 28.96 -13.54
N LYS B 209 -14.95 28.04 -12.82
CA LYS B 209 -14.78 26.65 -13.21
C LYS B 209 -14.95 25.79 -11.98
N THR B 210 -15.84 24.80 -12.08
CA THR B 210 -16.14 23.90 -10.98
C THR B 210 -15.26 22.65 -11.03
N GLY B 211 -15.26 21.93 -9.92
CA GLY B 211 -14.67 20.61 -9.88
C GLY B 211 -15.45 19.71 -8.94
N THR B 212 -15.70 18.46 -9.33
CA THR B 212 -16.39 17.49 -8.47
C THR B 212 -15.78 16.11 -8.70
N CYS B 213 -15.10 15.59 -7.71
CA CYS B 213 -14.44 14.28 -7.85
C CYS B 213 -15.40 13.12 -7.63
N GLY B 214 -16.46 13.32 -6.84
CA GLY B 214 -17.45 12.29 -6.63
C GLY B 214 -17.14 11.33 -5.52
N VAL B 215 -16.11 11.57 -4.72
CA VAL B 215 -15.78 10.75 -3.57
C VAL B 215 -15.16 11.67 -2.54
N TYR B 216 -15.12 11.19 -1.30
CA TYR B 216 -14.36 11.85 -0.24
C TYR B 216 -14.80 13.29 -0.09
N GLY B 217 -16.06 13.57 -0.33
CA GLY B 217 -16.58 14.91 -0.08
C GLY B 217 -15.84 16.00 -0.83
N THR B 218 -15.30 15.69 -2.01
CA THR B 218 -14.31 16.57 -2.64
C THR B 218 -14.93 17.30 -3.82
N ALA B 219 -15.04 18.61 -3.66
CA ALA B 219 -15.54 19.49 -4.71
C ALA B 219 -14.98 20.89 -4.51
N ASN B 220 -15.14 21.73 -5.53
CA ASN B 220 -14.54 23.05 -5.52
C ASN B 220 -15.17 23.94 -6.60
N ASP B 221 -14.73 25.19 -6.57
CA ASP B 221 -15.10 26.21 -7.55
C ASP B 221 -14.03 27.29 -7.43
N TYR B 222 -13.67 27.90 -8.54
CA TYR B 222 -12.89 29.12 -8.47
C TYR B 222 -13.48 30.12 -9.46
N ALA B 223 -13.25 31.40 -9.23
CA ALA B 223 -13.95 32.43 -10.00
C ALA B 223 -13.20 33.74 -9.98
N VAL B 224 -13.42 34.52 -11.04
CA VAL B 224 -13.22 35.96 -11.04
C VAL B 224 -14.60 36.59 -10.96
N VAL B 225 -14.81 37.47 -10.00
CA VAL B 225 -16.09 38.11 -9.77
C VAL B 225 -15.90 39.61 -9.97
N TRP B 226 -16.77 40.21 -10.76
CA TRP B 226 -16.69 41.65 -11.02
C TRP B 226 -17.84 42.36 -10.33
N PRO B 227 -17.65 42.91 -9.13
CA PRO B 227 -18.74 43.66 -8.53
C PRO B 227 -18.98 44.91 -9.35
N THR B 228 -20.22 45.31 -9.37
CA THR B 228 -20.65 46.39 -10.23
C THR B 228 -19.83 47.65 -9.96
N GLY B 229 -19.09 48.10 -10.98
CA GLY B 229 -18.29 49.29 -10.90
C GLY B 229 -17.07 49.25 -10.03
N ARG B 230 -16.55 48.07 -9.70
CA ARG B 230 -15.38 47.95 -8.84
C ARG B 230 -14.41 46.93 -9.42
N ALA B 231 -13.23 46.88 -8.82
CA ALA B 231 -12.19 45.97 -9.28
C ALA B 231 -12.62 44.54 -9.00
N PRO B 232 -12.30 43.60 -9.88
CA PRO B 232 -12.68 42.21 -9.64
C PRO B 232 -12.06 41.60 -8.38
N ILE B 233 -12.69 40.54 -7.94
CA ILE B 233 -12.23 39.71 -6.84
C ILE B 233 -11.96 38.33 -7.40
N VAL B 234 -10.82 37.76 -7.03
CA VAL B 234 -10.45 36.42 -7.43
C VAL B 234 -10.50 35.49 -6.21
N LEU B 235 -11.04 34.28 -6.38
CA LEU B 235 -11.24 33.45 -5.22
C LEU B 235 -11.37 31.99 -5.61
N ALA B 236 -11.03 31.14 -4.65
CA ALA B 236 -11.06 29.70 -4.78
C ALA B 236 -11.61 29.08 -3.50
N VAL B 237 -12.57 28.17 -3.64
CA VAL B 237 -13.11 27.39 -2.54
C VAL B 237 -13.01 25.92 -2.87
N TYR B 238 -12.41 25.17 -1.98
CA TYR B 238 -12.09 23.76 -2.17
C TYR B 238 -12.51 23.02 -0.92
N THR B 239 -13.03 21.82 -1.09
CA THR B 239 -13.47 21.01 0.06
C THR B 239 -13.05 19.55 -0.12
N ARG B 240 -13.02 18.85 1.02
CA ARG B 240 -12.68 17.43 1.07
C ARG B 240 -13.13 16.88 2.42
N ALA B 241 -13.18 15.55 2.52
CA ALA B 241 -13.69 14.82 3.69
C ALA B 241 -12.91 13.54 3.87
N PRO B 242 -12.85 13.00 5.09
CA PRO B 242 -12.01 11.82 5.36
C PRO B 242 -12.53 10.48 4.87
N ASN B 243 -13.82 10.33 4.58
CA ASN B 243 -14.41 9.05 4.15
C ASN B 243 -14.84 9.07 2.69
N LYS B 244 -14.55 7.98 1.98
CA LYS B 244 -14.90 7.86 0.57
C LYS B 244 -16.37 8.16 0.33
N ASP B 245 -17.24 7.75 1.23
CA ASP B 245 -18.67 7.91 1.01
C ASP B 245 -19.22 9.26 1.48
N ASP B 246 -18.39 10.11 2.10
CA ASP B 246 -18.80 11.45 2.50
C ASP B 246 -19.20 12.22 1.26
N LYS B 247 -20.34 12.88 1.33
CA LYS B 247 -20.85 13.56 0.17
C LYS B 247 -20.36 15.00 0.15
N HIS B 248 -20.06 15.47 -1.04
CA HIS B 248 -19.77 16.89 -1.21
C HIS B 248 -21.05 17.68 -1.07
N SER B 249 -20.89 18.99 -0.87
CA SER B 249 -22.01 19.90 -0.72
C SER B 249 -21.75 21.18 -1.49
N GLU B 250 -22.61 21.47 -2.45
CA GLU B 250 -22.51 22.74 -3.13
C GLU B 250 -22.86 23.89 -2.21
N ALA B 251 -23.82 23.66 -1.32
CA ALA B 251 -24.24 24.71 -0.39
C ALA B 251 -23.09 25.13 0.52
N VAL B 252 -22.26 24.18 0.96
CA VAL B 252 -21.08 24.54 1.75
C VAL B 252 -20.15 25.43 0.93
N ILE B 253 -19.98 25.14 -0.35
CA ILE B 253 -19.08 25.93 -1.17
C ILE B 253 -19.60 27.35 -1.32
N ALA B 254 -20.89 27.48 -1.64
CA ALA B 254 -21.52 28.79 -1.75
C ALA B 254 -21.43 29.57 -0.45
N ALA B 255 -21.65 28.89 0.67
CA ALA B 255 -21.56 29.55 1.96
C ALA B 255 -20.13 29.96 2.28
N ALA B 256 -19.15 29.11 2.02
CA ALA B 256 -17.76 29.52 2.17
C ALA B 256 -17.42 30.71 1.27
N ALA B 257 -17.89 30.70 0.02
CA ALA B 257 -17.62 31.82 -0.88
C ALA B 257 -18.24 33.09 -0.32
N ARG B 258 -19.45 32.99 0.23
CA ARG B 258 -20.13 34.13 0.81
C ARG B 258 -19.35 34.69 1.99
N LEU B 259 -18.93 33.81 2.91
CA LEU B 259 -18.11 34.28 4.01
C LEU B 259 -16.90 35.05 3.50
N ALA B 260 -16.23 34.52 2.48
CA ALA B 260 -15.05 35.17 1.95
C ALA B 260 -15.38 36.52 1.34
N LEU B 261 -16.44 36.58 0.52
CA LEU B 261 -16.82 37.82 -0.14
C LEU B 261 -17.33 38.88 0.83
N GLU B 262 -18.02 38.47 1.91
CA GLU B 262 -18.47 39.46 2.89
C GLU B 262 -17.32 40.02 3.69
N GLY B 263 -16.28 39.22 3.95
CA GLY B 263 -15.13 39.71 4.70
C GLY B 263 -14.28 40.69 3.93
N LEU B 264 -14.26 40.57 2.60
CA LEU B 264 -13.45 41.45 1.77
C LEU B 264 -14.06 42.83 1.63
N GLY B 265 -15.14 42.92 0.85
N SER C 1 7.89 -7.55 -0.46
CA SER C 1 7.09 -6.63 -1.26
C SER C 1 5.82 -6.30 -0.51
N THR C 2 5.00 -5.38 -1.06
CA THR C 2 3.56 -5.35 -0.76
C THR C 2 2.67 -4.26 -1.41
N ASN C 3 3.08 -3.00 -1.71
CA ASN C 3 4.25 -2.18 -1.37
C ASN C 3 3.76 -0.70 -1.23
N LEU C 4 2.49 -0.54 -1.40
CA LEU C 4 1.88 0.64 -0.85
C LEU C 4 0.77 0.28 0.14
N VAL C 5 -0.05 -0.76 -0.12
CA VAL C 5 -1.24 -0.95 0.72
C VAL C 5 -2.47 -1.70 0.11
N ALA C 6 -3.19 -2.51 0.91
CA ALA C 6 -4.51 -3.01 0.52
C ALA C 6 -5.26 -3.92 1.51
N GLU C 7 -6.46 -3.44 1.87
CA GLU C 7 -7.68 -3.93 2.44
C GLU C 7 -8.90 -3.72 1.49
N PRO C 8 -8.78 -2.90 0.44
CA PRO C 8 -9.77 -3.01 -0.63
C PRO C 8 -9.75 -4.38 -1.28
N PHE C 9 -8.58 -5.00 -1.40
CA PHE C 9 -8.55 -6.38 -1.88
C PHE C 9 -9.34 -7.28 -0.93
N ALA C 10 -9.30 -7.00 0.36
CA ALA C 10 -9.98 -7.87 1.30
C ALA C 10 -11.50 -7.69 1.21
N LYS C 11 -11.98 -6.48 0.95
CA LYS C 11 -13.42 -6.26 0.78
C LYS C 11 -13.91 -6.90 -0.52
N LEU C 12 -13.14 -6.74 -1.61
CA LEU C 12 -13.47 -7.42 -2.86
C LEU C 12 -13.58 -8.91 -2.64
N GLU C 13 -12.60 -9.49 -1.96
CA GLU C 13 -12.59 -10.90 -1.63
C GLU C 13 -13.83 -11.29 -0.86
N GLN C 14 -14.28 -10.43 0.05
CA GLN C 14 -15.44 -10.82 0.82
C GLN C 14 -16.71 -10.75 0.00
N ASP C 15 -16.85 -9.71 -0.84
CA ASP C 15 -17.98 -9.60 -1.75
C ASP C 15 -18.03 -10.77 -2.74
N PHE C 16 -16.88 -11.17 -3.25
CA PHE C 16 -16.78 -12.31 -4.13
C PHE C 16 -17.09 -13.63 -3.41
N GLY C 17 -16.60 -13.82 -2.18
CA GLY C 17 -16.89 -15.03 -1.44
C GLY C 17 -15.83 -16.10 -1.55
N GLY C 18 -14.75 -15.83 -2.24
CA GLY C 18 -13.62 -16.72 -2.35
C GLY C 18 -12.33 -15.98 -2.11
N SER C 19 -11.26 -16.52 -2.67
CA SER C 19 -9.94 -15.98 -2.44
C SER C 19 -9.45 -15.32 -3.71
N ILE C 20 -8.64 -14.29 -3.54
CA ILE C 20 -8.09 -13.54 -4.65
C ILE C 20 -6.60 -13.44 -4.43
N GLY C 21 -5.83 -13.73 -5.46
CA GLY C 21 -4.40 -13.56 -5.42
C GLY C 21 -3.84 -12.69 -6.52
N VAL C 22 -3.00 -11.71 -6.18
CA VAL C 22 -2.56 -10.67 -7.08
C VAL C 22 -1.08 -10.40 -6.88
N TYR C 23 -0.39 -10.20 -7.98
CA TYR C 23 0.94 -9.63 -7.97
C TYR C 23 1.10 -8.72 -9.18
N ALA C 24 1.78 -7.60 -9.01
CA ALA C 24 1.97 -6.69 -10.11
C ALA C 24 3.28 -5.94 -9.89
N MET C 25 3.99 -5.66 -10.98
CA MET C 25 5.24 -4.91 -10.93
C MET C 25 5.22 -3.84 -12.02
N ASP C 26 5.54 -2.61 -11.63
CA ASP C 26 5.79 -1.54 -12.58
C ASP C 26 7.25 -1.65 -12.96
N THR C 27 7.52 -2.10 -14.19
CA THR C 27 8.91 -2.26 -14.60
C THR C 27 9.64 -0.94 -14.70
N GLY C 28 8.93 0.18 -14.65
CA GLY C 28 9.58 1.45 -14.77
C GLY C 28 9.97 2.04 -13.44
N SER C 29 9.31 1.60 -12.37
CA SER C 29 9.61 2.08 -11.03
C SER C 29 10.07 1.01 -10.07
N GLY C 30 9.76 -0.25 -10.31
CA GLY C 30 10.04 -1.29 -9.34
C GLY C 30 8.95 -1.48 -8.32
N ALA C 31 7.91 -0.64 -8.35
CA ALA C 31 6.80 -0.80 -7.42
C ALA C 31 6.07 -2.10 -7.66
N THR C 32 5.51 -2.64 -6.60
CA THR C 32 4.78 -3.89 -6.69
C THR C 32 3.54 -3.82 -5.84
N VAL C 33 2.61 -4.71 -6.16
CA VAL C 33 1.40 -4.95 -5.38
C VAL C 33 1.33 -6.43 -5.16
N SER C 34 1.05 -6.85 -3.93
CA SER C 34 0.96 -8.28 -3.68
C SER C 34 -0.08 -8.59 -2.62
N TYR C 35 -1.02 -9.46 -2.96
CA TYR C 35 -2.07 -9.89 -2.05
C TYR C 35 -2.26 -11.36 -2.29
N ARG C 36 -1.82 -12.16 -1.33
CA ARG C 36 -1.71 -13.60 -1.40
C ARG C 36 -0.89 -14.03 -2.61
N ALA C 37 0.12 -13.25 -2.93
CA ALA C 37 0.90 -13.48 -4.13
C ALA C 37 1.76 -14.74 -4.04
N GLU C 38 1.82 -15.38 -2.87
CA GLU C 38 2.66 -16.53 -2.60
C GLU C 38 1.85 -17.79 -2.39
N GLU C 39 0.55 -17.66 -2.24
CA GLU C 39 -0.38 -18.77 -2.19
C GLU C 39 -0.49 -19.42 -3.58
N ARG C 40 -0.95 -20.66 -3.58
CA ARG C 40 -1.10 -21.43 -4.78
C ARG C 40 -2.52 -21.33 -5.33
N PHE C 41 -2.62 -21.16 -6.63
CA PHE C 41 -3.92 -21.21 -7.30
C PHE C 41 -3.84 -22.10 -8.52
N PRO C 42 -4.92 -22.76 -8.88
CA PRO C 42 -4.91 -23.53 -10.13
C PRO C 42 -4.59 -22.68 -11.34
N LEU C 43 -3.78 -23.26 -12.23
CA LEU C 43 -3.41 -22.60 -13.48
C LEU C 43 -4.58 -22.51 -14.46
N CYS C 44 -5.42 -23.53 -14.49
CA CYS C 44 -6.48 -23.62 -15.50
C CYS C 44 -5.79 -23.44 -16.85
N SER C 45 -6.42 -22.83 -17.84
CA SER C 45 -5.79 -22.67 -19.14
C SER C 45 -4.63 -21.69 -19.15
N SER C 46 -4.40 -20.96 -18.06
CA SER C 46 -3.34 -19.96 -18.12
C SER C 46 -1.97 -20.57 -18.40
N PHE C 47 -1.81 -21.88 -18.18
CA PHE C 47 -0.58 -22.55 -18.56
C PHE C 47 -0.31 -22.47 -20.06
N LYS C 48 -1.35 -22.36 -20.88
CA LYS C 48 -1.16 -22.40 -22.33
C LYS C 48 -0.29 -21.25 -22.83
N GLY C 49 -0.21 -20.14 -22.12
CA GLY C 49 0.72 -19.09 -22.50
C GLY C 49 2.17 -19.50 -22.34
N PHE C 50 2.52 -20.05 -21.18
CA PHE C 50 3.88 -20.51 -20.97
C PHE C 50 4.20 -21.68 -21.89
N LEU C 51 3.20 -22.51 -22.19
CA LEU C 51 3.37 -23.53 -23.21
C LEU C 51 3.89 -22.92 -24.51
N ALA C 52 3.28 -21.84 -24.96
CA ALA C 52 3.72 -21.23 -26.20
C ALA C 52 5.11 -20.70 -26.08
N ALA C 53 5.47 -20.23 -24.88
CA ALA C 53 6.84 -19.74 -24.67
C ALA C 53 7.84 -20.87 -24.81
N ALA C 54 7.57 -22.00 -24.17
CA ALA C 54 8.44 -23.17 -24.26
C ALA C 54 8.66 -23.59 -25.70
N VAL C 55 7.58 -23.64 -26.49
CA VAL C 55 7.69 -23.95 -27.91
C VAL C 55 8.60 -22.95 -28.61
N LEU C 56 8.40 -21.68 -28.35
CA LEU C 56 9.28 -20.69 -28.95
C LEU C 56 10.73 -20.92 -28.55
N ALA C 57 10.95 -21.40 -27.33
CA ALA C 57 12.31 -21.61 -26.85
C ALA C 57 12.96 -22.77 -27.59
N ARG C 58 12.22 -23.88 -27.71
CA ARG C 58 12.71 -25.00 -28.50
C ARG C 58 12.95 -24.62 -29.96
N SER C 59 12.14 -23.72 -30.50
CA SER C 59 12.37 -23.26 -31.86
C SER C 59 13.69 -22.52 -32.04
N GLN C 60 14.33 -22.09 -30.95
CA GLN C 60 15.65 -21.49 -31.06
C GLN C 60 16.73 -22.53 -31.27
N GLN C 61 16.43 -23.80 -30.99
CA GLN C 61 17.34 -24.91 -31.26
C GLN C 61 16.94 -25.75 -32.47
N GLN C 62 15.64 -25.86 -32.79
CA GLN C 62 15.14 -26.68 -33.88
C GLN C 62 14.68 -25.77 -35.01
N ALA C 63 15.52 -25.62 -36.03
CA ALA C 63 15.14 -24.78 -37.17
C ALA C 63 13.85 -25.26 -37.80
N GLY C 64 12.94 -24.31 -38.06
CA GLY C 64 11.67 -24.63 -38.69
C GLY C 64 10.68 -25.39 -37.83
N LEU C 65 10.86 -25.41 -36.52
CA LEU C 65 9.88 -26.08 -35.68
C LEU C 65 8.52 -25.45 -35.83
N LEU C 66 8.48 -24.12 -35.91
CA LEU C 66 7.22 -23.39 -35.92
C LEU C 66 6.42 -23.66 -37.17
N ASP C 67 7.08 -23.97 -38.28
CA ASP C 67 6.41 -24.18 -39.55
C ASP C 67 6.11 -25.63 -39.81
N THR C 68 6.38 -26.50 -38.87
CA THR C 68 6.11 -27.92 -39.02
C THR C 68 4.62 -28.22 -38.94
N PRO C 69 4.02 -28.83 -39.97
CA PRO C 69 2.62 -29.22 -39.88
C PRO C 69 2.40 -30.35 -38.92
N ILE C 70 1.28 -30.29 -38.20
CA ILE C 70 0.85 -31.37 -37.34
C ILE C 70 -0.49 -31.85 -37.83
N ARG C 71 -0.53 -33.08 -38.31
CA ARG C 71 -1.78 -33.76 -38.65
C ARG C 71 -2.34 -34.39 -37.38
N TYR C 72 -3.62 -34.18 -37.16
CA TYR C 72 -4.31 -34.87 -36.08
C TYR C 72 -5.66 -35.31 -36.60
N GLY C 73 -6.23 -36.32 -35.94
CA GLY C 73 -7.59 -36.76 -36.19
C GLY C 73 -8.59 -36.33 -35.12
N LYS C 74 -9.83 -36.79 -35.33
CA LYS C 74 -10.95 -36.52 -34.41
C LYS C 74 -10.61 -36.96 -32.99
N ASN C 75 -9.98 -38.12 -32.88
CA ASN C 75 -9.17 -38.56 -31.76
C ASN C 75 -8.71 -37.45 -30.82
N ALA C 76 -8.20 -36.36 -31.39
CA ALA C 76 -7.48 -35.36 -30.62
C ALA C 76 -8.37 -34.25 -30.05
N LEU C 77 -9.64 -34.21 -30.40
CA LEU C 77 -10.47 -33.03 -30.16
C LEU C 77 -11.20 -33.08 -28.82
N VAL C 78 -10.56 -32.59 -27.76
CA VAL C 78 -11.28 -32.50 -26.49
C VAL C 78 -12.24 -31.32 -26.50
N PRO C 79 -13.25 -31.29 -25.63
CA PRO C 79 -14.20 -30.17 -25.67
C PRO C 79 -13.49 -28.84 -25.53
N TRP C 80 -14.13 -27.83 -26.11
CA TRP C 80 -13.57 -26.51 -26.35
C TRP C 80 -12.23 -26.62 -27.05
N SER C 81 -12.32 -26.79 -28.35
CA SER C 81 -11.16 -26.80 -29.22
C SER C 81 -11.63 -26.19 -30.54
N PRO C 82 -12.16 -24.96 -30.52
CA PRO C 82 -12.82 -24.43 -31.71
C PRO C 82 -11.90 -24.32 -32.91
N ILE C 83 -10.65 -23.96 -32.69
CA ILE C 83 -9.71 -23.82 -33.80
C ILE C 83 -9.35 -25.19 -34.37
N SER C 84 -9.03 -26.14 -33.51
CA SER C 84 -8.60 -27.45 -33.98
C SER C 84 -9.73 -28.15 -34.71
N GLU C 85 -10.95 -28.02 -34.18
CA GLU C 85 -12.14 -28.45 -34.88
C GLU C 85 -12.18 -27.84 -36.27
N LYS C 86 -11.98 -26.51 -36.35
CA LYS C 86 -12.09 -25.79 -37.61
C LYS C 86 -11.11 -26.34 -38.65
N TYR C 87 -9.88 -26.65 -38.23
CA TYR C 87 -8.79 -27.01 -39.12
C TYR C 87 -8.51 -28.51 -39.13
N LEU C 88 -9.46 -29.33 -38.74
CA LEU C 88 -9.24 -30.76 -38.71
C LEU C 88 -8.86 -31.31 -40.09
N THR C 89 -9.40 -30.73 -41.17
CA THR C 89 -9.14 -31.28 -42.48
C THR C 89 -7.78 -30.88 -43.02
N THR C 90 -7.16 -29.84 -42.49
CA THR C 90 -5.83 -29.46 -42.93
C THR C 90 -4.72 -29.78 -41.94
N GLY C 91 -5.05 -30.07 -40.68
CA GLY C 91 -4.05 -30.01 -39.63
C GLY C 91 -3.64 -28.56 -39.41
N MET C 92 -2.64 -28.41 -38.55
CA MET C 92 -2.12 -27.09 -38.23
C MET C 92 -0.62 -27.19 -38.01
N THR C 93 0.09 -26.11 -38.30
CA THR C 93 1.48 -25.99 -37.90
C THR C 93 1.64 -25.76 -36.39
N VAL C 94 2.87 -25.98 -35.93
CA VAL C 94 3.20 -25.76 -34.53
C VAL C 94 2.82 -24.33 -34.13
N ALA C 95 3.18 -23.37 -34.98
CA ALA C 95 2.87 -21.98 -34.70
C ALA C 95 1.37 -21.75 -34.61
N GLU C 96 0.62 -22.47 -35.42
CA GLU C 96 -0.83 -22.29 -35.41
C GLU C 96 -1.43 -22.92 -34.17
N LEU C 97 -0.95 -24.10 -33.80
CA LEU C 97 -1.35 -24.71 -32.56
C LEU C 97 -1.10 -23.75 -31.39
N SER C 98 0.05 -23.09 -31.39
CA SER C 98 0.46 -22.18 -30.34
C SER C 98 -0.46 -20.97 -30.28
N ALA C 99 -0.63 -20.29 -31.43
CA ALA C 99 -1.57 -19.19 -31.47
C ALA C 99 -2.95 -19.62 -31.02
N ALA C 100 -3.39 -20.83 -31.41
CA ALA C 100 -4.71 -21.29 -31.00
C ALA C 100 -4.79 -21.46 -29.49
N ALA C 101 -3.74 -22.02 -28.91
CA ALA C 101 -3.75 -22.31 -27.50
C ALA C 101 -3.72 -21.02 -26.69
N VAL C 102 -3.00 -20.01 -27.18
CA VAL C 102 -2.89 -18.75 -26.46
C VAL C 102 -4.16 -17.91 -26.61
N GLN C 103 -4.67 -17.79 -27.84
CA GLN C 103 -5.62 -16.75 -28.21
C GLN C 103 -7.07 -17.21 -28.18
N TYR C 104 -7.27 -18.53 -28.13
CA TYR C 104 -8.59 -19.12 -28.06
C TYR C 104 -8.66 -20.21 -27.00
N SER C 105 -7.56 -20.44 -26.27
CA SER C 105 -7.50 -21.45 -25.21
C SER C 105 -7.84 -22.83 -25.73
N ASP C 106 -7.52 -23.07 -27.01
CA ASP C 106 -7.84 -24.34 -27.66
C ASP C 106 -7.19 -25.52 -26.92
N ASN C 107 -8.00 -26.46 -26.46
CA ASN C 107 -7.54 -27.55 -25.60
C ASN C 107 -6.86 -28.65 -26.39
N ALA C 108 -7.39 -29.02 -27.56
CA ALA C 108 -6.67 -29.97 -28.41
C ALA C 108 -5.30 -29.44 -28.78
N ALA C 109 -5.23 -28.14 -29.09
CA ALA C 109 -3.95 -27.53 -29.43
C ALA C 109 -2.97 -27.65 -28.27
N ALA C 110 -3.41 -27.28 -27.07
CA ALA C 110 -2.54 -27.38 -25.89
C ALA C 110 -2.03 -28.80 -25.69
N ASN C 111 -2.92 -29.79 -25.79
CA ASN C 111 -2.49 -31.18 -25.61
C ASN C 111 -1.52 -31.63 -26.70
N LEU C 112 -1.74 -31.22 -27.95
CA LEU C 112 -0.80 -31.59 -29.00
C LEU C 112 0.55 -31.00 -28.72
N LEU C 113 0.60 -29.75 -28.27
CA LEU C 113 1.89 -29.11 -28.03
C LEU C 113 2.54 -29.67 -26.77
N LEU C 114 1.75 -30.01 -25.75
CA LEU C 114 2.33 -30.68 -24.60
C LEU C 114 3.04 -31.95 -25.03
N LYS C 115 2.39 -32.73 -25.88
CA LYS C 115 2.99 -33.97 -26.37
C LYS C 115 4.34 -33.71 -27.02
N GLU C 116 4.47 -32.61 -27.77
CA GLU C 116 5.73 -32.33 -28.44
C GLU C 116 6.82 -31.90 -27.48
N LEU C 117 6.47 -31.46 -26.29
CA LEU C 117 7.43 -31.06 -25.28
C LEU C 117 7.58 -32.10 -24.20
N GLY C 118 6.95 -33.26 -24.36
CA GLY C 118 7.06 -34.31 -23.39
C GLY C 118 6.14 -34.16 -22.21
N GLY C 119 4.93 -33.65 -22.43
CA GLY C 119 3.91 -33.73 -21.43
C GLY C 119 3.99 -32.62 -20.41
N PRO C 120 3.09 -32.66 -19.42
CA PRO C 120 3.16 -31.68 -18.33
C PRO C 120 4.54 -31.54 -17.71
N ALA C 121 5.24 -32.66 -17.53
CA ALA C 121 6.55 -32.62 -16.91
C ALA C 121 7.58 -31.91 -17.77
N GLY C 122 7.36 -31.86 -19.09
CA GLY C 122 8.26 -31.09 -19.95
C GLY C 122 8.06 -29.59 -19.84
N LEU C 123 6.83 -29.13 -19.68
CA LEU C 123 6.60 -27.70 -19.50
C LEU C 123 7.17 -27.25 -18.16
N THR C 124 6.86 -27.99 -17.09
CA THR C 124 7.44 -27.68 -15.78
C THR C 124 8.94 -27.53 -15.87
N ALA C 125 9.60 -28.48 -16.53
CA ALA C 125 11.04 -28.42 -16.64
C ALA C 125 11.49 -27.17 -17.36
N PHE C 126 10.78 -26.78 -18.42
CA PHE C 126 11.12 -25.50 -19.05
C PHE C 126 10.99 -24.37 -18.05
N MET C 127 9.96 -24.40 -17.21
CA MET C 127 9.75 -23.32 -16.27
C MET C 127 10.89 -23.30 -15.25
N ARG C 128 11.27 -24.45 -14.73
CA ARG C 128 12.45 -24.49 -13.88
C ARG C 128 13.65 -23.85 -14.57
N SER C 129 13.84 -24.17 -15.85
CA SER C 129 15.02 -23.71 -16.54
C SER C 129 15.09 -22.18 -16.60
N ILE C 130 13.99 -21.48 -16.40
CA ILE C 130 14.01 -20.02 -16.39
C ILE C 130 13.98 -19.47 -14.97
N GLY C 131 14.06 -20.32 -13.97
CA GLY C 131 14.13 -19.85 -12.62
C GLY C 131 12.80 -19.81 -11.90
N ASP C 132 11.81 -20.54 -12.37
CA ASP C 132 10.49 -20.58 -11.75
C ASP C 132 10.43 -21.89 -10.98
N THR C 133 10.53 -21.79 -9.67
CA THR C 133 10.50 -22.98 -8.83
C THR C 133 9.10 -23.31 -8.34
N THR C 134 8.13 -22.43 -8.58
CA THR C 134 6.79 -22.64 -8.07
C THR C 134 5.88 -23.35 -9.05
N PHE C 135 6.00 -23.02 -10.34
CA PHE C 135 5.14 -23.59 -11.35
C PHE C 135 5.19 -25.11 -11.36
N ARG C 136 4.03 -25.73 -11.39
CA ARG C 136 3.96 -27.13 -11.74
C ARG C 136 2.72 -27.41 -12.57
N LEU C 137 2.91 -28.09 -13.69
CA LEU C 137 1.82 -28.71 -14.41
C LEU C 137 1.98 -30.22 -14.30
N ASP C 138 0.89 -30.90 -14.01
CA ASP C 138 0.91 -32.31 -13.72
C ASP C 138 0.05 -33.15 -14.65
N ARG C 139 -1.00 -32.57 -15.23
CA ARG C 139 -1.97 -33.33 -15.98
C ARG C 139 -2.23 -32.64 -17.31
N TRP C 140 -3.06 -33.29 -18.10
CA TRP C 140 -3.46 -32.83 -19.42
C TRP C 140 -4.85 -32.25 -19.37
N GLU C 141 -5.19 -31.49 -20.42
CA GLU C 141 -6.57 -31.07 -20.61
C GLU C 141 -7.41 -32.33 -20.79
N LEU C 142 -8.58 -32.46 -20.19
CA LEU C 142 -9.23 -31.48 -19.33
C LEU C 142 -9.03 -31.77 -17.84
N GLU C 143 -8.39 -32.90 -17.51
CA GLU C 143 -8.20 -33.29 -16.11
C GLU C 143 -7.59 -32.20 -15.26
N LEU C 144 -6.71 -31.38 -15.83
CA LEU C 144 -5.97 -30.42 -15.04
C LEU C 144 -6.85 -29.29 -14.51
N ASN C 145 -8.13 -29.24 -14.87
CA ASN C 145 -9.04 -28.19 -14.42
C ASN C 145 -9.81 -28.57 -13.16
N SER C 146 -9.47 -29.69 -12.51
CA SER C 146 -10.28 -30.13 -11.37
C SER C 146 -10.21 -29.12 -10.22
N ALA C 147 -9.05 -28.48 -10.03
CA ALA C 147 -8.94 -27.33 -9.14
C ALA C 147 -9.44 -27.66 -7.73
N ILE C 148 -9.13 -28.86 -7.26
CA ILE C 148 -9.56 -29.27 -5.91
C ILE C 148 -8.81 -28.44 -4.88
N PRO C 149 -9.46 -27.91 -3.84
CA PRO C 149 -8.74 -27.11 -2.85
C PRO C 149 -7.64 -27.89 -2.15
N GLY C 150 -6.46 -27.28 -2.08
CA GLY C 150 -5.32 -27.89 -1.45
C GLY C 150 -4.52 -28.83 -2.32
N ASP C 151 -5.09 -29.25 -3.46
CA ASP C 151 -4.36 -30.06 -4.43
C ASP C 151 -3.35 -29.15 -5.13
N ALA C 152 -2.08 -29.41 -4.93
CA ALA C 152 -1.05 -28.60 -5.55
C ALA C 152 -0.85 -28.93 -7.03
N ARG C 153 -1.51 -29.95 -7.56
CA ARG C 153 -1.31 -30.26 -8.97
C ARG C 153 -1.76 -29.08 -9.81
N ASP C 154 -0.97 -28.74 -10.82
CA ASP C 154 -1.40 -27.83 -11.87
C ASP C 154 -1.73 -26.47 -11.27
N THR C 155 -0.79 -25.95 -10.48
CA THR C 155 -0.93 -24.68 -9.79
C THR C 155 0.34 -23.87 -9.93
N SER C 156 0.23 -22.62 -9.53
CA SER C 156 1.39 -21.78 -9.34
C SER C 156 0.96 -20.65 -8.42
N SER C 157 1.81 -19.65 -8.32
CA SER C 157 1.53 -18.51 -7.48
C SER C 157 1.46 -17.25 -8.35
N PRO C 158 0.71 -16.24 -7.93
CA PRO C 158 0.68 -15.02 -8.72
C PRO C 158 2.04 -14.39 -8.93
N ARG C 159 2.91 -14.43 -7.91
CA ARG C 159 4.22 -13.82 -8.05
C ARG C 159 5.08 -14.59 -9.07
N ALA C 160 5.09 -15.92 -8.98
CA ALA C 160 5.87 -16.71 -9.93
C ALA C 160 5.33 -16.54 -11.34
N VAL C 161 3.99 -16.58 -11.52
CA VAL C 161 3.43 -16.32 -12.85
C VAL C 161 3.94 -15.01 -13.37
N THR C 162 3.81 -13.96 -12.56
CA THR C 162 4.20 -12.61 -12.99
C THR C 162 5.69 -12.54 -13.29
N GLU C 163 6.51 -13.18 -12.46
CA GLU C 163 7.94 -13.10 -12.67
C GLU C 163 8.36 -13.82 -13.93
N SER C 164 7.84 -15.02 -14.13
CA SER C 164 8.12 -15.73 -15.38
C SER C 164 7.61 -14.95 -16.58
N LEU C 165 6.37 -14.46 -16.50
CA LEU C 165 5.84 -13.67 -17.61
C LEU C 165 6.81 -12.57 -17.99
N GLN C 166 7.37 -11.89 -16.98
CA GLN C 166 8.23 -10.73 -17.25
C GLN C 166 9.52 -11.15 -17.92
N LYS C 167 10.14 -12.23 -17.44
CA LYS C 167 11.35 -12.74 -18.06
C LYS C 167 11.14 -13.06 -19.53
N LEU C 168 10.02 -13.71 -19.86
CA LEU C 168 9.75 -14.20 -21.21
C LEU C 168 9.32 -13.08 -22.14
N THR C 169 8.55 -12.12 -21.64
CA THR C 169 8.06 -11.07 -22.52
C THR C 169 8.96 -9.86 -22.55
N LEU C 170 9.67 -9.60 -21.47
CA LEU C 170 10.49 -8.40 -21.37
C LEU C 170 11.93 -8.69 -21.04
N GLY C 171 12.25 -9.88 -20.58
CA GLY C 171 13.59 -10.23 -20.21
C GLY C 171 14.38 -10.78 -21.37
N SER C 172 15.34 -11.63 -21.05
CA SER C 172 16.25 -12.23 -22.02
C SER C 172 16.04 -13.73 -22.14
N ALA C 173 15.01 -14.27 -21.50
CA ALA C 173 14.79 -15.71 -21.54
C ALA C 173 14.59 -16.19 -22.97
N LEU C 174 14.07 -15.34 -23.83
CA LEU C 174 13.84 -15.69 -25.21
C LEU C 174 14.66 -14.78 -26.12
N ALA C 175 15.22 -15.35 -27.18
CA ALA C 175 15.83 -14.56 -28.22
C ALA C 175 14.85 -13.51 -28.70
N ALA C 176 15.38 -12.39 -29.15
CA ALA C 176 14.53 -11.26 -29.53
C ALA C 176 13.42 -11.62 -30.49
N PRO C 177 13.62 -12.48 -31.49
CA PRO C 177 12.53 -12.78 -32.42
C PRO C 177 11.49 -13.71 -31.81
N GLN C 178 11.93 -14.66 -31.01
CA GLN C 178 10.98 -15.47 -30.26
C GLN C 178 10.21 -14.59 -29.28
N ARG C 179 10.89 -13.64 -28.65
CA ARG C 179 10.24 -12.76 -27.69
C ARG C 179 9.12 -11.95 -28.33
N GLN C 180 9.41 -11.32 -29.48
CA GLN C 180 8.40 -10.52 -30.14
C GLN C 180 7.20 -11.36 -30.55
N GLN C 181 7.43 -12.63 -30.89
CA GLN C 181 6.33 -13.49 -31.30
C GLN C 181 5.44 -13.88 -30.12
N PHE C 182 6.05 -14.29 -29.00
CA PHE C 182 5.29 -14.49 -27.77
C PHE C 182 4.41 -13.29 -27.48
N VAL C 183 5.00 -12.10 -27.53
CA VAL C 183 4.24 -10.90 -27.23
C VAL C 183 3.07 -10.72 -28.18
N ASP C 184 3.30 -10.92 -29.49
CA ASP C 184 2.24 -10.70 -30.46
C ASP C 184 1.13 -11.73 -30.33
N TRP C 185 1.43 -12.95 -29.94
CA TRP C 185 0.38 -13.91 -29.65
C TRP C 185 -0.48 -13.44 -28.47
N LEU C 186 0.17 -12.98 -27.38
CA LEU C 186 -0.56 -12.53 -26.20
C LEU C 186 -1.44 -11.33 -26.53
N LYS C 187 -0.92 -10.40 -27.34
CA LYS C 187 -1.66 -9.20 -27.73
C LYS C 187 -2.93 -9.52 -28.52
N GLY C 188 -2.95 -10.59 -29.29
CA GLY C 188 -4.14 -10.96 -30.02
C GLY C 188 -5.07 -11.93 -29.32
N ASN C 189 -4.98 -12.06 -28.02
CA ASN C 189 -5.90 -12.94 -27.34
C ASN C 189 -7.33 -12.42 -27.47
N THR C 190 -8.26 -13.34 -27.63
CA THR C 190 -9.67 -13.04 -27.80
C THR C 190 -10.54 -13.41 -26.60
N THR C 191 -9.98 -14.04 -25.54
CA THR C 191 -10.78 -14.47 -24.41
C THR C 191 -10.74 -13.54 -23.20
N GLY C 192 -9.92 -12.50 -23.22
CA GLY C 192 -9.77 -11.72 -22.02
C GLY C 192 -10.46 -10.36 -22.00
N ASN C 193 -11.51 -10.16 -22.80
CA ASN C 193 -12.08 -8.82 -22.88
C ASN C 193 -12.74 -8.39 -21.58
N HIS C 194 -13.25 -9.31 -20.77
CA HIS C 194 -13.91 -8.93 -19.53
C HIS C 194 -13.03 -9.04 -18.29
N ARG C 195 -11.71 -9.14 -18.44
CA ARG C 195 -10.85 -9.37 -17.29
C ARG C 195 -9.86 -8.20 -17.22
N ILE C 196 -8.56 -8.45 -17.26
CA ILE C 196 -7.63 -7.36 -17.08
C ILE C 196 -7.85 -6.28 -18.12
N ARG C 197 -8.08 -6.66 -19.39
CA ARG C 197 -8.38 -5.67 -20.43
C ARG C 197 -9.56 -4.76 -20.05
N ALA C 198 -10.55 -5.29 -19.36
CA ALA C 198 -11.65 -4.46 -18.89
C ALA C 198 -11.21 -3.34 -17.95
N ALA C 199 -10.09 -3.48 -17.28
CA ALA C 199 -9.66 -2.48 -16.30
C ALA C 199 -8.75 -1.43 -16.90
N VAL C 200 -8.48 -1.49 -18.19
CA VAL C 200 -7.40 -0.73 -18.81
C VAL C 200 -7.95 0.01 -20.02
N PRO C 201 -7.53 1.25 -20.29
CA PRO C 201 -8.01 1.94 -21.49
C PRO C 201 -7.84 1.09 -22.74
N ALA C 202 -8.80 1.22 -23.67
CA ALA C 202 -8.72 0.45 -24.91
C ALA C 202 -7.56 0.90 -25.79
N ASP C 203 -7.03 2.10 -25.57
CA ASP C 203 -5.91 2.58 -26.36
C ASP C 203 -4.57 2.00 -25.90
N TRP C 204 -4.48 1.45 -24.69
CA TRP C 204 -3.25 0.82 -24.23
C TRP C 204 -3.09 -0.58 -24.80
N ALA C 205 -1.85 -0.98 -24.99
CA ALA C 205 -1.53 -2.28 -25.53
C ALA C 205 -1.52 -3.31 -24.40
N VAL C 206 -2.19 -4.43 -24.63
CA VAL C 206 -2.29 -5.51 -23.66
C VAL C 206 -2.05 -6.85 -24.35
N GLY C 207 -1.18 -7.67 -23.77
CA GLY C 207 -1.13 -9.10 -24.05
C GLY C 207 -1.51 -9.86 -22.79
N ASP C 208 -2.36 -10.88 -22.93
CA ASP C 208 -2.84 -11.57 -21.74
C ASP C 208 -3.22 -12.99 -22.07
N LYS C 209 -3.40 -13.79 -21.00
CA LYS C 209 -3.85 -15.15 -21.11
C LYS C 209 -4.82 -15.43 -19.97
N THR C 210 -5.96 -16.02 -20.30
CA THR C 210 -7.00 -16.31 -19.33
C THR C 210 -6.96 -17.77 -18.89
N GLY C 211 -7.60 -18.04 -17.77
CA GLY C 211 -7.92 -19.40 -17.44
C GLY C 211 -9.25 -19.49 -16.72
N THR C 212 -10.02 -20.55 -16.97
CA THR C 212 -11.27 -20.83 -16.27
C THR C 212 -11.39 -22.34 -16.08
N CYS C 213 -11.24 -22.83 -14.85
CA CYS C 213 -11.36 -24.26 -14.59
C CYS C 213 -12.81 -24.71 -14.62
N GLY C 214 -13.75 -23.83 -14.34
CA GLY C 214 -15.16 -24.20 -14.38
C GLY C 214 -15.72 -24.76 -13.10
N VAL C 215 -14.95 -24.85 -12.01
CA VAL C 215 -15.44 -25.28 -10.71
C VAL C 215 -14.68 -24.52 -9.65
N TYR C 216 -15.18 -24.59 -8.42
CA TYR C 216 -14.51 -24.02 -7.24
C TYR C 216 -14.13 -22.55 -7.48
N GLY C 217 -15.07 -21.80 -8.06
CA GLY C 217 -14.90 -20.38 -8.36
C GLY C 217 -13.57 -19.98 -8.97
N THR C 218 -12.97 -20.86 -9.76
CA THR C 218 -11.57 -20.72 -10.14
C THR C 218 -11.46 -20.14 -11.54
N ALA C 219 -10.67 -19.07 -11.66
CA ALA C 219 -10.46 -18.34 -12.89
C ALA C 219 -9.34 -17.33 -12.66
N ASN C 220 -8.78 -16.80 -13.74
CA ASN C 220 -7.58 -15.99 -13.67
C ASN C 220 -7.29 -15.30 -15.00
N ASP C 221 -6.28 -14.47 -14.98
CA ASP C 221 -5.78 -13.71 -16.10
C ASP C 221 -4.41 -13.17 -15.69
N TYR C 222 -3.45 -13.21 -16.59
CA TYR C 222 -2.19 -12.49 -16.41
C TYR C 222 -1.89 -11.74 -17.69
N ALA C 223 -1.19 -10.62 -17.56
CA ALA C 223 -1.04 -9.73 -18.68
C ALA C 223 0.25 -8.91 -18.58
N VAL C 224 0.70 -8.47 -19.74
CA VAL C 224 1.62 -7.36 -19.87
C VAL C 224 0.83 -6.21 -20.47
N VAL C 225 1.04 -5.02 -19.92
CA VAL C 225 0.27 -3.82 -20.24
C VAL C 225 1.27 -2.70 -20.51
N TRP C 226 1.18 -2.12 -21.70
CA TRP C 226 1.99 -0.94 -22.02
C TRP C 226 1.14 0.31 -21.95
N PRO C 227 1.25 1.11 -20.89
CA PRO C 227 0.58 2.42 -20.88
C PRO C 227 1.31 3.41 -21.74
N THR C 228 0.88 4.67 -21.69
CA THR C 228 1.44 5.73 -22.53
C THR C 228 2.87 6.07 -22.13
N GLY C 229 3.79 5.95 -23.08
CA GLY C 229 5.17 6.37 -22.87
C GLY C 229 5.88 5.77 -21.68
N ARG C 230 5.19 4.95 -20.89
CA ARG C 230 5.71 4.41 -19.65
C ARG C 230 6.09 2.95 -19.82
N ALA C 231 6.99 2.52 -18.94
CA ALA C 231 7.42 1.13 -18.91
C ALA C 231 6.20 0.23 -18.78
N PRO C 232 6.26 -0.97 -19.27
CA PRO C 232 5.12 -1.86 -19.14
C PRO C 232 4.84 -2.20 -17.69
N ILE C 233 3.74 -2.90 -17.48
CA ILE C 233 3.37 -3.42 -16.18
C ILE C 233 2.97 -4.87 -16.38
N VAL C 234 3.53 -5.76 -15.58
CA VAL C 234 3.21 -7.18 -15.57
C VAL C 234 2.36 -7.46 -14.34
N LEU C 235 1.26 -8.21 -14.51
CA LEU C 235 0.42 -8.54 -13.38
C LEU C 235 -0.32 -9.84 -13.62
N ALA C 236 -0.68 -10.48 -12.52
CA ALA C 236 -1.38 -11.74 -12.51
C ALA C 236 -2.49 -11.63 -11.49
N VAL C 237 -3.66 -12.18 -11.82
CA VAL C 237 -4.84 -12.15 -10.96
C VAL C 237 -5.44 -13.54 -10.99
N TYR C 238 -5.41 -14.24 -9.86
CA TYR C 238 -5.96 -15.59 -9.74
C TYR C 238 -7.07 -15.57 -8.69
N THR C 239 -8.05 -16.46 -8.85
CA THR C 239 -9.14 -16.58 -7.90
C THR C 239 -9.47 -18.05 -7.68
N ARG C 240 -10.10 -18.31 -6.54
CA ARG C 240 -10.66 -19.63 -6.27
C ARG C 240 -11.65 -19.45 -5.13
N ALA C 241 -12.41 -20.50 -4.87
CA ALA C 241 -13.55 -20.43 -3.97
C ALA C 241 -13.67 -21.77 -3.27
N PRO C 242 -14.25 -21.79 -2.06
CA PRO C 242 -14.22 -23.01 -1.24
C PRO C 242 -15.20 -24.10 -1.65
N ASN C 243 -16.25 -23.84 -2.41
CA ASN C 243 -17.23 -24.86 -2.80
C ASN C 243 -17.17 -25.15 -4.29
N LYS C 244 -17.46 -26.41 -4.65
CA LYS C 244 -17.37 -26.83 -6.05
C LYS C 244 -18.25 -25.99 -6.93
N ASP C 245 -19.46 -25.68 -6.47
CA ASP C 245 -20.44 -24.99 -7.28
C ASP C 245 -20.36 -23.47 -7.15
N ASP C 246 -19.40 -22.93 -6.41
CA ASP C 246 -19.17 -21.49 -6.43
C ASP C 246 -18.78 -21.07 -7.85
N LYS C 247 -19.38 -19.98 -8.32
CA LYS C 247 -19.16 -19.49 -9.66
C LYS C 247 -18.03 -18.48 -9.65
N HIS C 248 -17.13 -18.58 -10.63
CA HIS C 248 -16.12 -17.55 -10.82
C HIS C 248 -16.79 -16.26 -11.27
N SER C 249 -16.03 -15.18 -11.25
CA SER C 249 -16.53 -13.89 -11.69
C SER C 249 -15.46 -13.18 -12.49
N GLU C 250 -15.80 -12.80 -13.71
CA GLU C 250 -14.89 -11.96 -14.46
C GLU C 250 -14.85 -10.56 -13.89
N ALA C 251 -15.98 -10.06 -13.38
CA ALA C 251 -15.99 -8.71 -12.82
C ALA C 251 -15.05 -8.61 -11.63
N VAL C 252 -14.99 -9.64 -10.79
CA VAL C 252 -14.02 -9.66 -9.70
C VAL C 252 -12.60 -9.54 -10.24
N ILE C 253 -12.25 -10.33 -11.27
CA ILE C 253 -10.88 -10.28 -11.79
C ILE C 253 -10.58 -8.89 -12.30
N ALA C 254 -11.53 -8.29 -13.01
CA ALA C 254 -11.35 -6.96 -13.56
C ALA C 254 -11.14 -5.94 -12.44
N ALA C 255 -11.96 -5.99 -11.38
CA ALA C 255 -11.78 -5.09 -10.25
C ALA C 255 -10.43 -5.31 -9.58
N ALA C 256 -10.03 -6.58 -9.40
CA ALA C 256 -8.74 -6.85 -8.79
C ALA C 256 -7.63 -6.23 -9.59
N ALA C 257 -7.70 -6.37 -10.92
CA ALA C 257 -6.72 -5.74 -11.79
C ALA C 257 -6.73 -4.22 -11.64
N ARG C 258 -7.92 -3.61 -11.66
CA ARG C 258 -8.02 -2.17 -11.42
C ARG C 258 -7.33 -1.78 -10.13
N LEU C 259 -7.61 -2.52 -9.04
CA LEU C 259 -6.99 -2.20 -7.75
C LEU C 259 -5.49 -2.24 -7.83
N ALA C 260 -4.95 -3.27 -8.47
CA ALA C 260 -3.50 -3.44 -8.54
C ALA C 260 -2.85 -2.34 -9.32
N LEU C 261 -3.41 -1.96 -10.46
CA LEU C 261 -2.86 -0.85 -11.21
C LEU C 261 -2.94 0.43 -10.38
N GLU C 262 -4.09 0.66 -9.75
CA GLU C 262 -4.24 1.82 -8.88
C GLU C 262 -3.23 1.77 -7.74
N GLY C 263 -2.94 0.58 -7.22
CA GLY C 263 -1.97 0.44 -6.15
C GLY C 263 -0.55 0.72 -6.55
N LEU C 264 -0.24 0.67 -7.83
CA LEU C 264 1.11 0.96 -8.27
C LEU C 264 1.33 2.47 -8.38
N GLY C 265 0.48 3.16 -9.15
N SER D 1 -8.83 -31.14 -0.27
CA SER D 1 -9.93 -30.88 0.67
C SER D 1 -11.11 -30.21 -0.05
N THR D 2 -12.29 -30.85 0.01
CA THR D 2 -13.51 -30.28 -0.56
C THR D 2 -14.68 -30.52 0.39
N ASN D 3 -15.81 -29.90 0.08
CA ASN D 3 -17.03 -30.07 0.87
C ASN D 3 -18.26 -29.98 -0.03
N ALA D 6 -21.73 -27.57 2.57
CA ALA D 6 -20.92 -26.48 3.11
C ALA D 6 -21.67 -25.16 3.11
N GLU D 7 -22.94 -25.20 2.71
CA GLU D 7 -23.80 -24.02 2.74
C GLU D 7 -24.04 -23.56 4.17
N PRO D 8 -23.92 -24.44 5.15
CA PRO D 8 -23.99 -23.96 6.53
C PRO D 8 -22.81 -23.08 6.90
N PHE D 9 -21.59 -23.44 6.49
CA PHE D 9 -20.45 -22.58 6.78
C PHE D 9 -20.56 -21.25 6.05
N ALA D 10 -21.10 -21.26 4.83
CA ALA D 10 -21.23 -20.05 4.04
C ALA D 10 -22.21 -19.07 4.65
N LYS D 11 -23.33 -19.56 5.17
CA LYS D 11 -24.26 -18.68 5.85
C LYS D 11 -23.65 -18.11 7.13
N LEU D 12 -23.00 -18.96 7.92
CA LEU D 12 -22.37 -18.50 9.15
C LEU D 12 -21.29 -17.47 8.88
N GLU D 13 -20.43 -17.78 7.93
CA GLU D 13 -19.39 -16.88 7.46
C GLU D 13 -19.97 -15.54 7.01
N GLN D 14 -21.06 -15.58 6.26
CA GLN D 14 -21.69 -14.36 5.78
C GLN D 14 -22.28 -13.54 6.93
N ASP D 15 -22.97 -14.19 7.86
CA ASP D 15 -23.45 -13.50 9.06
C ASP D 15 -22.31 -12.83 9.83
N PHE D 16 -21.18 -13.51 9.93
CA PHE D 16 -20.06 -12.99 10.71
C PHE D 16 -19.47 -11.74 10.05
N GLY D 17 -19.42 -11.70 8.74
CA GLY D 17 -18.78 -10.61 8.04
C GLY D 17 -17.37 -10.91 7.58
N GLY D 18 -16.98 -12.17 7.52
CA GLY D 18 -15.60 -12.49 7.26
C GLY D 18 -15.47 -13.84 6.60
N SER D 19 -14.33 -14.47 6.80
CA SER D 19 -14.04 -15.80 6.33
C SER D 19 -13.82 -16.71 7.53
N ILE D 20 -14.37 -17.92 7.44
CA ILE D 20 -14.21 -18.96 8.45
C ILE D 20 -13.55 -20.15 7.77
N GLY D 21 -12.50 -20.67 8.39
CA GLY D 21 -11.76 -21.79 7.86
C GLY D 21 -11.77 -22.98 8.80
N VAL D 22 -12.22 -24.14 8.33
CA VAL D 22 -12.33 -25.31 9.18
C VAL D 22 -11.64 -26.50 8.56
N TYR D 23 -11.02 -27.32 9.42
CA TYR D 23 -10.60 -28.65 9.03
C TYR D 23 -10.74 -29.56 10.22
N ALA D 24 -11.27 -30.76 10.00
CA ALA D 24 -11.50 -31.70 11.10
C ALA D 24 -11.31 -33.11 10.60
N MET D 25 -10.72 -33.93 11.44
CA MET D 25 -10.41 -35.31 11.08
C MET D 25 -10.84 -36.21 12.22
N ASP D 26 -11.47 -37.31 11.87
CA ASP D 26 -11.91 -38.34 12.80
C ASP D 26 -10.87 -39.44 12.72
N THR D 27 -10.05 -39.57 13.76
CA THR D 27 -9.01 -40.57 13.64
C THR D 27 -9.57 -41.99 13.72
N GLY D 28 -10.85 -42.14 14.06
CA GLY D 28 -11.44 -43.48 14.07
C GLY D 28 -11.92 -43.97 12.73
N SER D 29 -12.42 -43.07 11.90
CA SER D 29 -13.06 -43.44 10.64
C SER D 29 -12.36 -42.95 9.41
N GLY D 30 -11.42 -42.00 9.54
CA GLY D 30 -10.79 -41.37 8.40
C GLY D 30 -11.62 -40.28 7.76
N ALA D 31 -12.79 -39.97 8.31
CA ALA D 31 -13.63 -38.91 7.78
C ALA D 31 -12.98 -37.56 8.01
N THR D 32 -13.15 -36.65 7.06
CA THR D 32 -12.65 -35.30 7.22
C THR D 32 -13.71 -34.28 6.83
N VAL D 33 -13.54 -33.07 7.34
CA VAL D 33 -14.36 -31.92 6.98
C VAL D 33 -13.43 -30.76 6.63
N SER D 34 -13.78 -30.01 5.61
CA SER D 34 -12.93 -28.92 5.20
C SER D 34 -13.78 -27.85 4.57
N TYR D 35 -13.49 -26.61 4.94
CA TYR D 35 -14.15 -25.44 4.36
C TYR D 35 -13.13 -24.31 4.49
N ARG D 36 -12.56 -23.92 3.37
CA ARG D 36 -11.40 -23.02 3.32
C ARG D 36 -10.22 -23.59 4.12
N ALA D 37 -10.08 -24.91 4.12
CA ALA D 37 -9.06 -25.57 4.91
C ALA D 37 -7.67 -25.30 4.38
N GLU D 38 -7.59 -24.84 3.14
CA GLU D 38 -6.34 -24.58 2.47
C GLU D 38 -5.96 -23.10 2.45
N GLU D 39 -6.85 -22.21 2.86
CA GLU D 39 -6.51 -20.80 2.90
C GLU D 39 -5.62 -20.47 4.09
N ARG D 40 -4.79 -19.45 3.91
CA ARG D 40 -4.00 -18.87 4.97
C ARG D 40 -4.84 -18.01 5.91
N PHE D 41 -4.62 -18.22 7.19
CA PHE D 41 -5.16 -17.40 8.26
C PHE D 41 -4.02 -17.03 9.21
N PRO D 42 -4.11 -15.88 9.87
CA PRO D 42 -3.09 -15.53 10.85
C PRO D 42 -3.13 -16.50 12.01
N LEU D 43 -1.95 -16.93 12.45
CA LEU D 43 -1.86 -17.84 13.60
C LEU D 43 -2.29 -17.14 14.88
N CYS D 44 -1.88 -15.88 15.06
CA CYS D 44 -2.10 -15.19 16.34
C CYS D 44 -1.40 -16.06 17.43
N SER D 45 -1.91 -16.13 18.64
CA SER D 45 -1.23 -16.91 19.67
C SER D 45 -1.33 -18.42 19.47
N SER D 46 -1.99 -18.95 18.43
CA SER D 46 -2.04 -20.39 18.30
C SER D 46 -0.68 -20.98 17.94
N PHE D 47 0.25 -20.18 17.43
CA PHE D 47 1.62 -20.69 17.23
C PHE D 47 2.26 -21.21 18.53
N LYS D 48 1.79 -20.75 19.70
CA LYS D 48 2.45 -21.07 20.96
C LYS D 48 2.36 -22.56 21.30
N GLY D 49 1.31 -23.24 20.85
CA GLY D 49 1.26 -24.69 21.00
C GLY D 49 2.34 -25.40 20.21
N PHE D 50 2.63 -24.93 19.00
CA PHE D 50 3.69 -25.57 18.23
C PHE D 50 5.03 -25.18 18.79
N LEU D 51 5.14 -23.96 19.29
CA LEU D 51 6.34 -23.54 20.02
C LEU D 51 6.64 -24.49 21.17
N ALA D 52 5.64 -24.80 21.99
CA ALA D 52 5.91 -25.69 23.12
C ALA D 52 6.29 -27.08 22.64
N ALA D 53 5.64 -27.56 21.58
CA ALA D 53 6.00 -28.83 20.99
C ALA D 53 7.43 -28.83 20.49
N ALA D 54 7.91 -27.71 19.94
CA ALA D 54 9.27 -27.67 19.42
C ALA D 54 10.29 -27.72 20.56
N VAL D 55 9.96 -27.06 21.67
CA VAL D 55 10.75 -27.18 22.88
C VAL D 55 10.82 -28.64 23.31
N LEU D 56 9.68 -29.33 23.32
CA LEU D 56 9.69 -30.72 23.69
C LEU D 56 10.58 -31.55 22.77
N ALA D 57 10.49 -31.30 21.46
CA ALA D 57 11.32 -32.00 20.50
C ALA D 57 12.80 -31.80 20.80
N ARG D 58 13.18 -30.55 21.09
CA ARG D 58 14.58 -30.29 21.40
C ARG D 58 15.02 -30.99 22.68
N SER D 59 14.12 -31.11 23.65
CA SER D 59 14.45 -31.79 24.90
C SER D 59 14.82 -33.25 24.68
N GLN D 60 14.41 -33.83 23.55
CA GLN D 60 14.84 -35.18 23.20
C GLN D 60 16.33 -35.24 22.89
N GLN D 61 16.96 -34.13 22.52
CA GLN D 61 18.38 -34.07 22.22
C GLN D 61 19.18 -33.27 23.21
N GLN D 62 18.53 -32.60 24.16
CA GLN D 62 19.20 -31.73 25.12
C GLN D 62 18.70 -32.11 26.49
N ALA D 63 19.44 -32.97 27.18
CA ALA D 63 19.09 -33.34 28.53
C ALA D 63 19.02 -32.10 29.41
N GLY D 64 17.94 -31.98 30.20
CA GLY D 64 17.79 -30.91 31.14
C GLY D 64 17.38 -29.57 30.59
N LEU D 65 17.05 -29.49 29.31
CA LEU D 65 16.53 -28.24 28.78
C LEU D 65 15.25 -27.85 29.50
N LEU D 66 14.30 -28.78 29.60
CA LEU D 66 13.01 -28.51 30.21
C LEU D 66 13.13 -28.07 31.67
N ASP D 67 14.08 -28.63 32.42
CA ASP D 67 14.29 -28.23 33.80
C ASP D 67 15.21 -27.02 33.93
N THR D 68 15.65 -26.44 32.83
CA THR D 68 16.56 -25.31 32.88
C THR D 68 15.84 -24.07 33.37
N PRO D 69 16.27 -23.47 34.48
CA PRO D 69 15.65 -22.22 34.92
C PRO D 69 16.04 -21.03 34.05
N ILE D 70 15.09 -20.12 33.85
CA ILE D 70 15.33 -18.87 33.12
C ILE D 70 14.97 -17.74 34.05
N ARG D 71 15.95 -16.89 34.34
CA ARG D 71 15.79 -15.79 35.29
C ARG D 71 15.68 -14.51 34.48
N TYR D 72 14.50 -14.34 33.90
CA TYR D 72 14.23 -13.21 33.05
C TYR D 72 14.03 -11.97 33.90
N GLY D 73 14.28 -10.81 33.29
CA GLY D 73 14.05 -9.54 33.92
C GLY D 73 12.72 -8.91 33.52
N LYS D 74 12.45 -7.73 34.10
CA LYS D 74 11.27 -6.96 33.76
C LYS D 74 11.27 -6.57 32.29
N ASN D 75 12.43 -6.47 31.68
CA ASN D 75 12.46 -6.11 30.28
C ASN D 75 12.00 -7.25 29.36
N ALA D 76 11.80 -8.44 29.88
CA ALA D 76 11.16 -9.52 29.13
C ALA D 76 9.65 -9.45 29.16
N LEU D 77 9.06 -8.63 29.99
CA LEU D 77 7.61 -8.69 30.20
C LEU D 77 6.85 -7.89 29.15
N VAL D 78 6.37 -8.56 28.12
CA VAL D 78 5.51 -7.92 27.12
C VAL D 78 4.08 -7.93 27.66
N PRO D 79 3.23 -7.02 27.19
CA PRO D 79 1.83 -7.03 27.64
C PRO D 79 1.19 -8.42 27.50
N TRP D 80 0.29 -8.71 28.44
CA TRP D 80 -0.34 -9.99 28.70
C TRP D 80 0.70 -11.10 28.85
N SER D 81 1.32 -11.08 30.00
CA SER D 81 2.25 -12.12 30.42
C SER D 81 1.89 -12.44 31.86
N PRO D 82 0.68 -12.93 32.09
CA PRO D 82 0.19 -13.08 33.45
C PRO D 82 1.05 -13.98 34.33
N ILE D 83 1.61 -15.06 33.79
CA ILE D 83 2.37 -15.99 34.62
C ILE D 83 3.79 -15.48 34.82
N SER D 84 4.40 -14.99 33.75
CA SER D 84 5.75 -14.45 33.85
C SER D 84 5.78 -13.31 34.86
N GLU D 85 4.78 -12.42 34.77
CA GLU D 85 4.59 -11.37 35.75
C GLU D 85 4.62 -11.91 37.15
N LYS D 86 3.81 -12.93 37.43
CA LYS D 86 3.66 -13.41 38.79
C LYS D 86 4.95 -14.07 39.31
N TYR D 87 5.70 -14.75 38.44
CA TYR D 87 6.88 -15.49 38.90
C TYR D 87 8.18 -14.77 38.60
N LEU D 88 8.13 -13.45 38.43
CA LEU D 88 9.31 -12.69 38.05
C LEU D 88 10.45 -12.84 39.05
N THR D 89 10.17 -12.83 40.35
CA THR D 89 11.30 -12.82 41.26
C THR D 89 12.01 -14.18 41.32
N THR D 90 11.30 -15.28 41.11
CA THR D 90 11.92 -16.60 41.00
C THR D 90 12.36 -16.96 39.60
N GLY D 91 11.79 -16.36 38.56
CA GLY D 91 11.91 -16.89 37.21
C GLY D 91 11.16 -18.21 37.08
N MET D 92 11.38 -18.87 35.95
CA MET D 92 10.66 -20.09 35.61
C MET D 92 11.56 -21.02 34.80
N THR D 93 11.29 -22.32 34.88
CA THR D 93 11.97 -23.26 34.02
C THR D 93 11.37 -23.24 32.61
N VAL D 94 12.13 -23.80 31.69
CA VAL D 94 11.69 -23.88 30.30
C VAL D 94 10.34 -24.59 30.19
N ALA D 95 10.14 -25.65 30.96
CA ALA D 95 8.85 -26.36 30.91
C ALA D 95 7.74 -25.48 31.46
N GLU D 96 8.04 -24.73 32.53
CA GLU D 96 7.05 -23.84 33.10
C GLU D 96 6.69 -22.75 32.13
N LEU D 97 7.69 -22.25 31.37
CA LEU D 97 7.43 -21.24 30.36
C LEU D 97 6.56 -21.83 29.26
N SER D 98 6.82 -23.08 28.89
CA SER D 98 6.07 -23.70 27.80
C SER D 98 4.61 -23.88 28.17
N ALA D 99 4.34 -24.33 29.40
CA ALA D 99 2.97 -24.49 29.88
C ALA D 99 2.25 -23.15 30.02
N ALA D 100 2.97 -22.10 30.40
CA ALA D 100 2.38 -20.77 30.51
C ALA D 100 1.99 -20.25 29.13
N ALA D 101 2.88 -20.41 28.16
CA ALA D 101 2.61 -20.12 26.76
C ALA D 101 1.35 -20.82 26.26
N VAL D 102 1.21 -22.12 26.57
CA VAL D 102 0.09 -22.91 26.08
C VAL D 102 -1.19 -22.55 26.81
N GLN D 103 -1.15 -22.54 28.14
CA GLN D 103 -2.37 -22.57 28.92
C GLN D 103 -2.88 -21.17 29.27
N TYR D 104 -2.07 -20.17 29.09
CA TYR D 104 -2.39 -18.79 29.38
C TYR D 104 -2.01 -17.86 28.24
N SER D 105 -1.38 -18.37 27.18
CA SER D 105 -0.96 -17.54 26.07
C SER D 105 0.03 -16.49 26.53
N ASP D 106 0.83 -16.82 27.54
CA ASP D 106 1.79 -15.89 28.09
C ASP D 106 2.74 -15.42 27.00
N ASN D 107 2.73 -14.11 26.72
CA ASN D 107 3.57 -13.57 25.65
C ASN D 107 5.04 -13.50 26.03
N ALA D 108 5.36 -13.04 27.22
CA ALA D 108 6.76 -13.08 27.67
C ALA D 108 7.31 -14.49 27.55
N ALA D 109 6.57 -15.48 28.04
CA ALA D 109 7.00 -16.86 27.92
C ALA D 109 7.29 -17.22 26.47
N ALA D 110 6.38 -16.85 25.56
CA ALA D 110 6.53 -17.24 24.16
C ALA D 110 7.83 -16.68 23.57
N ASN D 111 8.15 -15.40 23.88
CA ASN D 111 9.34 -14.80 23.27
C ASN D 111 10.62 -15.38 23.85
N LEU D 112 10.64 -15.68 25.15
CA LEU D 112 11.80 -16.35 25.72
C LEU D 112 12.04 -17.70 25.06
N LEU D 113 10.97 -18.46 24.85
CA LEU D 113 11.12 -19.76 24.20
C LEU D 113 11.53 -19.62 22.74
N LEU D 114 10.95 -18.68 22.02
CA LEU D 114 11.41 -18.41 20.66
C LEU D 114 12.90 -18.14 20.65
N LYS D 115 13.38 -17.31 21.56
CA LYS D 115 14.82 -17.04 21.64
C LYS D 115 15.61 -18.34 21.82
N GLU D 116 15.08 -19.27 22.63
CA GLU D 116 15.78 -20.54 22.80
C GLU D 116 15.87 -21.34 21.51
N LEU D 117 14.90 -21.18 20.63
CA LEU D 117 14.81 -22.04 19.45
C LEU D 117 15.45 -21.42 18.22
N GLY D 118 16.05 -20.26 18.34
CA GLY D 118 16.54 -19.57 17.15
C GLY D 118 15.51 -18.69 16.51
N GLY D 119 14.56 -18.17 17.29
CA GLY D 119 13.56 -17.22 16.81
C GLY D 119 12.51 -17.87 15.92
N PRO D 120 11.65 -17.06 15.33
CA PRO D 120 10.61 -17.59 14.43
C PRO D 120 11.11 -18.50 13.35
N ALA D 121 12.30 -18.25 12.80
CA ALA D 121 12.83 -19.11 11.76
C ALA D 121 13.16 -20.49 12.28
N GLY D 122 13.50 -20.58 13.57
CA GLY D 122 13.75 -21.87 14.19
C GLY D 122 12.48 -22.68 14.34
N LEU D 123 11.40 -22.04 14.77
CA LEU D 123 10.13 -22.73 14.88
C LEU D 123 9.63 -23.20 13.52
N THR D 124 9.79 -22.36 12.49
CA THR D 124 9.37 -22.75 11.14
C THR D 124 10.16 -23.96 10.66
N ALA D 125 11.48 -23.93 10.82
CA ALA D 125 12.29 -25.08 10.47
C ALA D 125 11.84 -26.33 11.22
N PHE D 126 11.46 -26.20 12.48
CA PHE D 126 10.93 -27.36 13.18
C PHE D 126 9.67 -27.89 12.52
N MET D 127 8.72 -26.99 12.24
CA MET D 127 7.50 -27.41 11.56
C MET D 127 7.80 -28.05 10.21
N ARG D 128 8.79 -27.53 9.49
CA ARG D 128 9.15 -28.15 8.22
C ARG D 128 9.64 -29.57 8.44
N SER D 129 10.36 -29.81 9.53
CA SER D 129 10.95 -31.11 9.76
C SER D 129 9.93 -32.18 10.13
N ILE D 130 8.70 -31.83 10.52
CA ILE D 130 7.64 -32.83 10.71
C ILE D 130 6.75 -32.91 9.48
N GLY D 131 7.12 -32.24 8.40
CA GLY D 131 6.36 -32.33 7.18
C GLY D 131 5.31 -31.27 7.01
N ASP D 132 5.40 -30.15 7.73
CA ASP D 132 4.47 -29.03 7.56
C ASP D 132 5.17 -27.99 6.71
N THR D 133 4.75 -27.89 5.45
CA THR D 133 5.30 -26.95 4.49
C THR D 133 4.48 -25.69 4.37
N THR D 134 3.42 -25.54 5.17
CA THR D 134 2.54 -24.38 5.12
C THR D 134 2.86 -23.36 6.20
N PHE D 135 3.03 -23.83 7.44
CA PHE D 135 3.25 -23.00 8.60
C PHE D 135 4.39 -22.01 8.36
N ARG D 136 4.19 -20.77 8.78
CA ARG D 136 5.34 -19.89 8.85
C ARG D 136 5.15 -18.87 9.95
N LEU D 137 6.16 -18.72 10.77
CA LEU D 137 6.25 -17.66 11.74
C LEU D 137 7.38 -16.77 11.30
N ASP D 138 7.14 -15.49 11.29
CA ASP D 138 8.10 -14.54 10.78
C ASP D 138 8.57 -13.52 11.80
N ARG D 139 7.75 -13.21 12.80
CA ARG D 139 7.97 -12.12 13.72
C ARG D 139 7.76 -12.60 15.16
N TRP D 140 7.93 -11.70 16.10
CA TRP D 140 7.85 -11.99 17.52
C TRP D 140 6.59 -11.38 18.08
N GLU D 141 6.33 -11.64 19.35
CA GLU D 141 5.23 -10.99 20.03
C GLU D 141 5.63 -9.53 20.31
N LEU D 142 4.77 -8.55 20.10
CA LEU D 142 3.37 -8.70 19.75
C LEU D 142 3.09 -8.36 18.27
N GLU D 143 4.12 -7.98 17.52
CA GLU D 143 3.93 -7.52 16.16
C GLU D 143 3.38 -8.60 15.25
N LEU D 144 3.59 -9.88 15.60
CA LEU D 144 3.08 -10.99 14.77
C LEU D 144 1.55 -11.04 14.75
N ASN D 145 0.87 -10.24 15.56
CA ASN D 145 -0.60 -10.22 15.57
C ASN D 145 -1.21 -9.22 14.56
N SER D 146 -0.40 -8.59 13.70
CA SER D 146 -0.88 -7.49 12.87
C SER D 146 -2.01 -7.92 11.92
N ALA D 147 -1.99 -9.17 11.46
CA ALA D 147 -3.10 -9.85 10.81
C ALA D 147 -3.61 -9.11 9.56
N ILE D 148 -2.69 -8.50 8.83
CA ILE D 148 -3.10 -7.70 7.67
C ILE D 148 -3.63 -8.64 6.58
N PRO D 149 -4.79 -8.35 5.98
CA PRO D 149 -5.33 -9.23 4.93
C PRO D 149 -4.34 -9.48 3.81
N GLY D 150 -4.22 -10.75 3.42
CA GLY D 150 -3.39 -11.12 2.29
C GLY D 150 -1.91 -11.22 2.62
N ASP D 151 -1.51 -10.81 3.81
CA ASP D 151 -0.13 -10.92 4.24
C ASP D 151 0.13 -12.34 4.76
N ALA D 152 1.11 -13.03 4.18
CA ALA D 152 1.41 -14.41 4.53
C ALA D 152 2.22 -14.58 5.80
N ARG D 153 2.77 -13.50 6.35
CA ARG D 153 3.58 -13.63 7.56
C ARG D 153 2.77 -14.18 8.73
N ASP D 154 3.33 -15.13 9.45
CA ASP D 154 2.72 -15.64 10.67
C ASP D 154 1.34 -16.23 10.38
N THR D 155 1.27 -17.05 9.36
CA THR D 155 0.05 -17.71 8.98
C THR D 155 0.28 -19.19 8.81
N SER D 156 -0.82 -19.94 8.86
CA SER D 156 -0.85 -21.28 8.35
C SER D 156 -2.27 -21.51 7.84
N SER D 157 -2.62 -22.75 7.57
CA SER D 157 -3.94 -23.11 7.09
C SER D 157 -4.59 -24.05 8.09
N PRO D 158 -5.92 -24.07 8.17
CA PRO D 158 -6.57 -25.00 9.09
C PRO D 158 -6.15 -26.43 8.87
N ARG D 159 -5.92 -26.81 7.63
CA ARG D 159 -5.57 -28.21 7.42
C ARG D 159 -4.17 -28.50 7.97
N ALA D 160 -3.18 -27.69 7.61
CA ALA D 160 -1.83 -27.94 8.09
C ALA D 160 -1.78 -27.87 9.61
N VAL D 161 -2.54 -26.95 10.20
CA VAL D 161 -2.58 -26.88 11.65
C VAL D 161 -3.12 -28.18 12.21
N THR D 162 -4.24 -28.66 11.68
CA THR D 162 -4.83 -29.90 12.19
C THR D 162 -3.85 -31.06 12.04
N GLU D 163 -3.23 -31.18 10.87
CA GLU D 163 -2.37 -32.30 10.60
C GLU D 163 -1.15 -32.27 11.49
N SER D 164 -0.56 -31.10 11.65
CA SER D 164 0.61 -30.98 12.51
C SER D 164 0.26 -31.29 13.95
N LEU D 165 -0.89 -30.81 14.40
CA LEU D 165 -1.30 -31.12 15.75
C LEU D 165 -1.49 -32.63 15.94
N GLN D 166 -2.09 -33.32 14.96
CA GLN D 166 -2.28 -34.76 15.05
C GLN D 166 -0.95 -35.50 15.14
N LYS D 167 0.02 -35.12 14.30
CA LYS D 167 1.35 -35.75 14.34
C LYS D 167 1.98 -35.63 15.73
N LEU D 168 1.81 -34.47 16.37
CA LEU D 168 2.55 -34.17 17.59
C LEU D 168 1.87 -34.71 18.83
N THR D 169 0.56 -34.87 18.81
CA THR D 169 -0.15 -35.36 19.97
C THR D 169 -0.49 -36.84 19.89
N LEU D 170 -0.85 -37.32 18.71
CA LEU D 170 -1.32 -38.69 18.50
C LEU D 170 -0.40 -39.51 17.61
N GLY D 171 0.40 -38.86 16.78
CA GLY D 171 1.24 -39.58 15.87
C GLY D 171 2.55 -39.94 16.51
N SER D 172 3.64 -39.74 15.78
CA SER D 172 4.95 -40.16 16.26
C SER D 172 5.99 -39.06 16.07
N ALA D 173 5.56 -37.83 15.75
CA ALA D 173 6.53 -36.74 15.59
C ALA D 173 7.31 -36.45 16.88
N LEU D 174 6.70 -36.62 18.06
CA LEU D 174 7.40 -36.53 19.34
C LEU D 174 7.55 -37.93 19.94
N ALA D 175 8.67 -38.17 20.62
CA ALA D 175 8.80 -39.34 21.47
C ALA D 175 7.66 -39.44 22.50
N ALA D 176 7.45 -40.63 23.04
CA ALA D 176 6.23 -40.90 23.79
C ALA D 176 6.06 -40.03 25.04
N PRO D 177 7.08 -39.80 25.87
CA PRO D 177 6.85 -38.95 27.06
C PRO D 177 6.65 -37.49 26.74
N GLN D 178 7.45 -36.96 25.81
CA GLN D 178 7.22 -35.62 25.27
C GLN D 178 5.80 -35.50 24.73
N ARG D 179 5.34 -36.52 24.01
CA ARG D 179 3.98 -36.53 23.48
C ARG D 179 2.96 -36.32 24.59
N GLN D 180 3.08 -37.12 25.64
CA GLN D 180 2.12 -37.12 26.74
C GLN D 180 2.14 -35.77 27.45
N GLN D 181 3.34 -35.22 27.59
CA GLN D 181 3.52 -33.90 28.17
C GLN D 181 2.78 -32.84 27.35
N PHE D 182 2.95 -32.88 26.02
CA PHE D 182 2.30 -31.90 25.17
C PHE D 182 0.80 -31.99 25.33
N VAL D 183 0.26 -33.21 25.37
CA VAL D 183 -1.18 -33.43 25.52
C VAL D 183 -1.66 -32.91 26.86
N ASP D 184 -0.89 -33.15 27.93
CA ASP D 184 -1.19 -32.60 29.24
C ASP D 184 -1.27 -31.07 29.20
N TRP D 185 -0.31 -30.42 28.58
CA TRP D 185 -0.37 -28.97 28.50
C TRP D 185 -1.64 -28.51 27.79
N LEU D 186 -1.97 -29.11 26.64
CA LEU D 186 -3.18 -28.70 25.93
C LEU D 186 -4.43 -28.96 26.75
N LYS D 187 -4.51 -30.10 27.43
CA LYS D 187 -5.69 -30.40 28.25
C LYS D 187 -5.89 -29.38 29.36
N GLY D 188 -4.82 -28.78 29.84
CA GLY D 188 -4.93 -27.77 30.85
C GLY D 188 -5.17 -26.38 30.35
N ASN D 189 -5.47 -26.18 29.07
CA ASN D 189 -5.61 -24.81 28.61
C ASN D 189 -6.77 -24.09 29.30
N THR D 190 -6.56 -22.83 29.64
CA THR D 190 -7.55 -22.02 30.35
C THR D 190 -8.24 -20.98 29.47
N THR D 191 -7.83 -20.82 28.24
CA THR D 191 -8.32 -19.69 27.46
C THR D 191 -9.39 -20.05 26.47
N GLY D 192 -9.79 -21.32 26.37
CA GLY D 192 -10.67 -21.77 25.30
C GLY D 192 -12.09 -22.16 25.66
N ASN D 193 -12.61 -21.72 26.81
CA ASN D 193 -13.92 -22.20 27.26
C ASN D 193 -15.07 -21.77 26.35
N HIS D 194 -14.94 -20.69 25.59
CA HIS D 194 -16.01 -20.22 24.73
C HIS D 194 -15.82 -20.63 23.28
N ARG D 195 -14.82 -21.45 22.98
CA ARG D 195 -14.60 -21.83 21.58
C ARG D 195 -14.88 -23.31 21.35
N ILE D 196 -13.89 -24.11 20.97
CA ILE D 196 -14.17 -25.51 20.63
C ILE D 196 -14.76 -26.25 21.83
N ARG D 197 -14.22 -26.00 23.03
CA ARG D 197 -14.75 -26.65 24.21
C ARG D 197 -16.25 -26.42 24.35
N ALA D 198 -16.76 -25.26 23.88
CA ALA D 198 -18.17 -24.99 24.03
C ALA D 198 -19.03 -25.79 23.06
N ALA D 199 -18.46 -26.30 21.96
CA ALA D 199 -19.22 -27.07 20.97
C ALA D 199 -19.29 -28.54 21.29
N VAL D 200 -18.55 -28.99 22.29
CA VAL D 200 -18.31 -30.40 22.55
C VAL D 200 -19.16 -30.82 23.74
N PRO D 201 -19.66 -32.06 23.77
CA PRO D 201 -20.37 -32.54 24.96
C PRO D 201 -19.50 -32.40 26.21
N ALA D 202 -20.14 -32.15 27.34
CA ALA D 202 -19.46 -31.84 28.59
C ALA D 202 -18.63 -33.00 29.15
N ASP D 203 -18.77 -34.22 28.64
CA ASP D 203 -17.98 -35.35 29.12
C ASP D 203 -16.81 -35.70 28.21
N TRP D 204 -16.68 -35.06 27.05
CA TRP D 204 -15.53 -35.29 26.18
C TRP D 204 -14.33 -34.50 26.69
N ALA D 205 -13.17 -35.09 26.60
CA ALA D 205 -11.94 -34.44 27.00
C ALA D 205 -11.44 -33.58 25.85
N VAL D 206 -10.95 -32.38 26.16
CA VAL D 206 -10.44 -31.45 25.15
C VAL D 206 -9.07 -30.94 25.57
N GLY D 207 -8.13 -30.97 24.63
CA GLY D 207 -6.91 -30.18 24.71
C GLY D 207 -6.95 -29.18 23.56
N ASP D 208 -6.66 -27.92 23.87
CA ASP D 208 -6.78 -26.90 22.85
C ASP D 208 -5.81 -25.76 23.07
N LYS D 209 -5.65 -24.96 22.01
CA LYS D 209 -4.90 -23.71 22.04
C LYS D 209 -5.61 -22.63 21.23
N THR D 210 -5.80 -21.48 21.85
CA THR D 210 -6.50 -20.36 21.24
C THR D 210 -5.52 -19.36 20.63
N GLY D 211 -6.07 -18.53 19.73
CA GLY D 211 -5.40 -17.33 19.25
C GLY D 211 -6.36 -16.16 19.07
N THR D 212 -5.97 -14.95 19.47
CA THR D 212 -6.76 -13.76 19.19
C THR D 212 -5.81 -12.64 18.79
N CYS D 213 -5.91 -12.18 17.55
CA CYS D 213 -5.03 -11.10 17.09
C CYS D 213 -5.53 -9.73 17.54
N GLY D 214 -6.84 -9.55 17.78
CA GLY D 214 -7.37 -8.27 18.19
C GLY D 214 -7.67 -7.27 17.07
N VAL D 215 -7.47 -7.63 15.81
CA VAL D 215 -7.81 -6.80 14.66
C VAL D 215 -8.33 -7.72 13.56
N TYR D 216 -9.01 -7.12 12.59
CA TYR D 216 -9.39 -7.81 11.36
C TYR D 216 -10.20 -9.06 11.64
N GLY D 217 -11.06 -9.01 12.65
CA GLY D 217 -11.91 -10.13 13.03
C GLY D 217 -11.22 -11.47 13.18
N THR D 218 -9.94 -11.47 13.59
CA THR D 218 -9.07 -12.62 13.41
C THR D 218 -8.87 -13.33 14.74
N ALA D 219 -9.47 -14.52 14.86
CA ALA D 219 -9.29 -15.37 16.04
C ALA D 219 -9.46 -16.81 15.63
N ASN D 220 -8.99 -17.72 16.48
CA ASN D 220 -8.88 -19.13 16.13
C ASN D 220 -8.81 -20.01 17.38
N ASP D 221 -8.86 -21.31 17.13
CA ASP D 221 -8.70 -22.34 18.15
C ASP D 221 -8.41 -23.64 17.43
N TYR D 222 -7.52 -24.46 17.97
CA TYR D 222 -7.40 -25.85 17.53
C TYR D 222 -7.36 -26.78 18.74
N ALA D 223 -7.78 -28.01 18.53
CA ALA D 223 -8.00 -28.93 19.63
C ALA D 223 -7.79 -30.36 19.19
N VAL D 224 -7.41 -31.19 20.14
CA VAL D 224 -7.67 -32.61 20.08
C VAL D 224 -8.84 -32.86 21.00
N VAL D 225 -9.82 -33.63 20.52
CA VAL D 225 -11.06 -33.93 21.23
C VAL D 225 -11.19 -35.45 21.38
N TRP D 226 -11.42 -35.91 22.60
CA TRP D 226 -11.62 -37.32 22.89
C TRP D 226 -13.08 -37.58 23.19
N PRO D 227 -13.89 -38.00 22.23
CA PRO D 227 -15.19 -38.50 22.59
C PRO D 227 -15.03 -39.72 23.46
N THR D 228 -15.91 -39.86 24.41
CA THR D 228 -15.90 -40.99 25.31
C THR D 228 -15.87 -42.32 24.56
N GLY D 229 -14.85 -43.13 24.84
CA GLY D 229 -14.71 -44.44 24.22
C GLY D 229 -14.77 -44.45 22.70
N ARG D 230 -13.99 -43.57 22.09
CA ARG D 230 -13.96 -43.45 20.64
C ARG D 230 -12.62 -42.84 20.28
N ALA D 231 -12.20 -43.05 19.03
CA ALA D 231 -10.95 -42.46 18.60
C ALA D 231 -11.07 -40.94 18.68
N PRO D 232 -9.99 -40.24 18.95
CA PRO D 232 -10.06 -38.77 19.04
C PRO D 232 -10.34 -38.12 17.69
N ILE D 233 -10.80 -36.87 17.79
CA ILE D 233 -11.01 -36.00 16.65
C ILE D 233 -10.02 -34.85 16.80
N VAL D 234 -9.45 -34.43 15.68
CA VAL D 234 -8.56 -33.29 15.63
C VAL D 234 -9.17 -32.24 14.74
N LEU D 235 -9.09 -30.97 15.13
CA LEU D 235 -9.71 -29.94 14.29
C LEU D 235 -9.18 -28.54 14.58
N ALA D 236 -9.34 -27.66 13.60
CA ALA D 236 -8.89 -26.27 13.68
C ALA D 236 -9.94 -25.33 13.09
N VAL D 237 -10.13 -24.20 13.73
CA VAL D 237 -11.13 -23.20 13.35
C VAL D 237 -10.47 -21.85 13.39
N TYR D 238 -10.38 -21.19 12.24
CA TYR D 238 -9.71 -19.91 12.07
C TYR D 238 -10.69 -18.92 11.44
N THR D 239 -10.64 -17.66 11.85
CA THR D 239 -11.46 -16.62 11.25
C THR D 239 -10.60 -15.41 10.91
N ARG D 240 -11.12 -14.64 9.96
CA ARG D 240 -10.61 -13.32 9.60
C ARG D 240 -11.72 -12.53 8.94
N ALA D 241 -11.50 -11.24 8.86
CA ALA D 241 -12.46 -10.28 8.36
C ALA D 241 -11.72 -9.16 7.65
N PRO D 242 -12.40 -8.40 6.79
CA PRO D 242 -11.70 -7.43 5.93
C PRO D 242 -11.36 -6.07 6.55
N ASN D 243 -12.05 -5.62 7.58
CA ASN D 243 -11.73 -4.34 8.20
C ASN D 243 -10.98 -4.54 9.51
N LYS D 244 -10.09 -3.59 9.79
CA LYS D 244 -9.22 -3.69 10.96
C LYS D 244 -10.02 -3.70 12.25
N ASP D 245 -11.10 -2.93 12.28
CA ASP D 245 -11.94 -2.81 13.44
C ASP D 245 -13.03 -3.88 13.54
N ASP D 246 -13.17 -4.75 12.53
CA ASP D 246 -14.09 -5.87 12.64
C ASP D 246 -13.79 -6.69 13.88
N LYS D 247 -14.82 -7.01 14.65
CA LYS D 247 -14.67 -7.75 15.89
C LYS D 247 -14.63 -9.24 15.62
N HIS D 248 -13.73 -9.93 16.30
CA HIS D 248 -13.80 -11.38 16.30
C HIS D 248 -14.97 -11.82 17.16
N SER D 249 -15.27 -13.11 17.09
CA SER D 249 -16.40 -13.68 17.80
C SER D 249 -16.08 -15.09 18.25
N GLU D 250 -16.19 -15.31 19.54
CA GLU D 250 -16.03 -16.65 20.08
C GLU D 250 -17.20 -17.55 19.69
N ALA D 251 -18.40 -16.99 19.68
CA ALA D 251 -19.60 -17.75 19.32
C ALA D 251 -19.50 -18.29 17.89
N VAL D 252 -18.95 -17.49 16.96
CA VAL D 252 -18.76 -17.95 15.60
C VAL D 252 -17.83 -19.15 15.57
N ILE D 253 -16.77 -19.13 16.37
CA ILE D 253 -15.82 -20.25 16.39
C ILE D 253 -16.50 -21.51 16.93
N ALA D 254 -17.24 -21.38 18.03
CA ALA D 254 -17.97 -22.54 18.57
C ALA D 254 -18.93 -23.11 17.55
N ALA D 255 -19.75 -22.24 16.95
CA ALA D 255 -20.70 -22.67 15.94
C ALA D 255 -20.00 -23.42 14.83
N ALA D 256 -18.88 -22.86 14.34
CA ALA D 256 -18.15 -23.53 13.28
C ALA D 256 -17.60 -24.86 13.74
N ALA D 257 -17.18 -24.94 15.00
CA ALA D 257 -16.72 -26.21 15.54
C ALA D 257 -17.85 -27.22 15.59
N ARG D 258 -19.03 -26.80 16.05
CA ARG D 258 -20.21 -27.67 16.06
C ARG D 258 -20.50 -28.20 14.65
N LEU D 259 -20.46 -27.31 13.65
CA LEU D 259 -20.70 -27.75 12.29
C LEU D 259 -19.66 -28.74 11.81
N ALA D 260 -18.40 -28.56 12.18
CA ALA D 260 -17.36 -29.48 11.74
C ALA D 260 -17.57 -30.87 12.36
N LEU D 261 -17.89 -30.91 13.64
CA LEU D 261 -18.12 -32.21 14.29
C LEU D 261 -19.30 -32.93 13.66
N GLU D 262 -20.41 -32.21 13.45
CA GLU D 262 -21.59 -32.79 12.82
C GLU D 262 -21.27 -33.32 11.43
N GLY D 263 -20.38 -32.65 10.70
CA GLY D 263 -20.02 -33.10 9.39
C GLY D 263 -19.18 -34.36 9.37
N LEU D 264 -18.66 -34.81 10.50
CA LEU D 264 -17.88 -36.04 10.54
C LEU D 264 -18.76 -37.30 10.71
N GLY D 265 -20.03 -37.15 11.08
#